data_2HA5
#
_entry.id   2HA5
#
_cell.length_a   78.477
_cell.length_b   109.837
_cell.length_c   227.885
_cell.angle_alpha   90.00
_cell.angle_beta   90.00
_cell.angle_gamma   90.00
#
_symmetry.space_group_name_H-M   'P 21 21 21'
#
loop_
_entity.id
_entity.type
_entity.pdbx_description
1 polymer Acetylcholinesterase
2 branched alpha-L-fucopyranose-(1-6)-2-acetamido-2-deoxy-beta-D-glucopyranose
3 non-polymer 2-acetamido-2-deoxy-beta-D-glucopyranose
4 non-polymer 'ACETATE ION'
5 non-polymer ACETYLTHIOCHOLINE
6 non-polymer '2-(TRIMETHYLAMMONIUM)ETHYL THIOL'
7 non-polymer 'HEXAETHYLENE GLYCOL'
8 water water
#
_entity_poly.entity_id   1
_entity_poly.type   'polypeptide(L)'
_entity_poly.pdbx_seq_one_letter_code
;EGREDPQLLVRVRGGQLRGIRLKAPGGPVSAFLGIPFAEPPVGSRRFMPPEPKRPWSGVLDATTFQNVCYQYVDTLYPGF
EGTEMWNPNRELSEDCLYLNVWTPYPRPASPTPVLIWIYGGGFYSGAASLDVYDGRFLAQVEGAVLVSMNYRVGTFGFLA
LPGSREAPGNVGLLDQRLALQWVQENIAAFGGDPMSVTLFGEAAGAASVGMHILSLPSRSLFHRAVLQSGTPNGPWATVS
AGEARRRATLLARLVGCPPGGAGGNDTELIACLRTRPAQDLVDHEWHVLPQESIFRFSFVPVVDGDFLSDTPEALINTGD
FQDLQVLVGVVKDEGSYFLVYGVPGFSKDNESLISRAQFLAGVRIGVPQASDLAAEAVVLHYTDWLHPEDPTHLRDAMSA
VVGDHNVVCPVAQLAGRLAAQGARVYAYIFEHRASTLTWPLWMGVPHGYEIEFIFGLPLDPSLNYTTEERIFAQRLMKYW
TNFARTGDPNDPRDSKSPQWPPYTTAAQQYVSLNLKPLEVRRGLRAQTCAFWNRFLPKLLSAT
;
_entity_poly.pdbx_strand_id   A,B
#
# COMPACT_ATOMS: atom_id res chain seq x y z
N GLU A 1 63.91 -0.58 27.17
CA GLU A 1 63.70 -1.68 26.17
C GLU A 1 64.97 -2.50 26.09
N GLY A 2 64.98 -3.51 25.21
CA GLY A 2 66.18 -4.30 24.98
C GLY A 2 65.90 -5.78 24.88
N ARG A 3 65.02 -6.26 25.76
CA ARG A 3 64.63 -7.69 25.81
C ARG A 3 63.26 -7.97 25.19
N GLU A 4 62.57 -6.91 24.75
CA GLU A 4 61.22 -7.02 24.22
C GLU A 4 61.21 -7.22 22.73
N ASP A 5 60.03 -7.58 22.21
CA ASP A 5 59.80 -7.76 20.79
C ASP A 5 59.91 -6.41 20.08
N PRO A 6 60.97 -6.20 19.26
CA PRO A 6 61.21 -4.90 18.63
C PRO A 6 60.18 -4.52 17.58
N GLN A 7 59.37 -5.49 17.19
CA GLN A 7 58.35 -5.26 16.18
C GLN A 7 57.06 -4.70 16.81
N LEU A 8 57.05 -4.49 18.13
CA LEU A 8 55.87 -3.98 18.84
C LEU A 8 56.06 -2.59 19.48
N LEU A 9 57.18 -1.94 19.18
CA LEU A 9 57.49 -0.63 19.74
C LEU A 9 57.29 0.45 18.67
N VAL A 10 56.40 1.40 18.94
CA VAL A 10 55.99 2.44 17.98
C VAL A 10 55.88 3.79 18.71
N ARG A 11 56.21 4.89 18.02
CA ARG A 11 56.03 6.23 18.58
C ARG A 11 54.92 6.96 17.85
N VAL A 12 54.03 7.59 18.63
CA VAL A 12 53.01 8.48 18.09
C VAL A 12 53.25 9.89 18.65
N ARG A 13 52.41 10.85 18.27
CA ARG A 13 52.62 12.26 18.64
C ARG A 13 52.72 12.49 20.15
N GLY A 14 51.97 11.73 20.92
CA GLY A 14 52.00 11.82 22.38
C GLY A 14 53.10 11.03 23.06
N GLY A 15 53.78 10.17 22.32
CA GLY A 15 54.93 9.44 22.86
C GLY A 15 54.99 8.00 22.42
N GLN A 16 55.76 7.21 23.18
CA GLN A 16 56.04 5.81 22.81
C GLN A 16 54.98 4.84 23.30
N LEU A 17 54.70 3.82 22.48
CA LEU A 17 53.74 2.77 22.78
C LEU A 17 54.39 1.41 22.68
N ARG A 18 53.86 0.45 23.45
CA ARG A 18 54.22 -0.96 23.29
C ARG A 18 52.95 -1.76 23.04
N GLY A 19 52.89 -2.40 21.87
CA GLY A 19 51.74 -3.21 21.50
C GLY A 19 51.89 -4.66 21.93
N ILE A 20 51.00 -5.50 21.41
CA ILE A 20 50.98 -6.91 21.72
C ILE A 20 50.78 -7.73 20.43
N ARG A 21 51.46 -8.86 20.37
CA ARG A 21 51.32 -9.80 19.27
C ARG A 21 50.15 -10.74 19.60
N LEU A 22 49.07 -10.66 18.82
CA LEU A 22 47.92 -11.54 19.01
C LEU A 22 47.94 -12.64 17.96
N LYS A 23 47.38 -13.80 18.32
CA LYS A 23 47.24 -14.91 17.38
C LYS A 23 45.91 -14.84 16.68
N ALA A 24 45.93 -14.72 15.35
CA ALA A 24 44.77 -14.99 14.53
C ALA A 24 44.98 -16.38 13.92
N PRO A 25 43.90 -17.01 13.43
CA PRO A 25 44.03 -18.39 12.94
C PRO A 25 45.09 -18.61 11.87
N GLY A 26 45.25 -17.65 10.96
CA GLY A 26 46.23 -17.78 9.88
C GLY A 26 47.64 -17.32 10.24
N GLY A 27 47.78 -16.69 11.41
CA GLY A 27 49.07 -16.15 11.82
C GLY A 27 48.95 -14.97 12.78
N PRO A 28 50.10 -14.38 13.15
CA PRO A 28 50.13 -13.28 14.11
C PRO A 28 49.64 -11.95 13.55
N VAL A 29 49.09 -11.10 14.44
CA VAL A 29 48.81 -9.71 14.11
C VAL A 29 49.35 -8.83 15.23
N SER A 30 49.49 -7.54 14.96
CA SER A 30 49.91 -6.56 15.97
C SER A 30 48.68 -5.82 16.48
N ALA A 31 48.61 -5.60 17.79
CA ALA A 31 47.52 -4.86 18.38
C ALA A 31 48.09 -3.79 19.29
N PHE A 32 47.61 -2.56 19.12
CA PHE A 32 47.93 -1.48 20.03
C PHE A 32 46.63 -1.01 20.60
N LEU A 33 46.34 -1.42 21.84
CA LEU A 33 45.03 -1.26 22.46
C LEU A 33 45.09 -0.27 23.62
N GLY A 34 44.04 0.54 23.76
CA GLY A 34 43.97 1.51 24.86
C GLY A 34 44.86 2.72 24.70
N ILE A 35 45.03 3.18 23.46
CA ILE A 35 45.78 4.41 23.20
C ILE A 35 44.90 5.64 23.50
N PRO A 36 45.31 6.49 24.45
CA PRO A 36 44.51 7.68 24.75
C PRO A 36 44.56 8.72 23.64
N PHE A 37 43.42 9.20 23.17
CA PHE A 37 43.41 10.24 22.12
C PHE A 37 42.90 11.61 22.60
N ALA A 38 42.39 11.67 23.82
CA ALA A 38 41.94 12.91 24.43
C ALA A 38 42.32 12.94 25.91
N GLU A 39 42.29 14.13 26.50
CA GLU A 39 42.37 14.28 27.94
C GLU A 39 41.08 13.68 28.51
N PRO A 40 41.18 12.99 29.67
CA PRO A 40 39.96 12.40 30.21
C PRO A 40 38.86 13.44 30.42
N PRO A 41 37.67 13.19 29.86
CA PRO A 41 36.60 14.18 29.95
C PRO A 41 35.85 14.11 31.28
N VAL A 42 36.58 14.34 32.38
CA VAL A 42 36.07 14.15 33.73
C VAL A 42 36.04 15.46 34.47
N GLY A 43 35.28 15.48 35.57
CA GLY A 43 35.15 16.67 36.39
C GLY A 43 34.59 17.83 35.59
N SER A 44 35.28 18.97 35.66
CA SER A 44 34.90 20.18 34.94
C SER A 44 34.79 19.99 33.42
N ARG A 45 35.33 18.89 32.92
CA ARG A 45 35.31 18.57 31.51
C ARG A 45 34.11 17.74 31.04
N ARG A 46 33.28 17.29 31.98
CA ARG A 46 32.04 16.61 31.63
C ARG A 46 31.14 17.51 30.80
N PHE A 47 30.54 16.93 29.77
CA PHE A 47 29.71 17.59 28.75
C PHE A 47 30.46 18.46 27.76
N MET A 48 31.78 18.63 27.95
CA MET A 48 32.58 19.52 27.12
C MET A 48 33.22 18.80 25.96
N PRO A 49 33.50 19.54 24.88
CA PRO A 49 34.26 18.97 23.77
C PRO A 49 35.56 18.31 24.28
N PRO A 50 36.05 17.30 23.56
CA PRO A 50 37.29 16.69 23.97
C PRO A 50 38.49 17.58 23.64
N GLU A 51 39.49 17.53 24.51
CA GLU A 51 40.77 18.17 24.28
C GLU A 51 41.80 17.12 23.91
N PRO A 52 42.70 17.43 22.97
CA PRO A 52 43.71 16.45 22.59
C PRO A 52 44.56 15.99 23.78
N LYS A 53 44.87 14.71 23.83
CA LYS A 53 45.71 14.13 24.87
C LYS A 53 47.09 14.79 24.93
N ARG A 54 47.50 15.20 26.13
CA ARG A 54 48.83 15.73 26.35
C ARG A 54 49.85 14.60 26.29
N PRO A 55 51.04 14.87 25.71
CA PRO A 55 52.05 13.83 25.63
C PRO A 55 52.42 13.24 26.98
N TRP A 56 52.77 11.96 26.97
CA TRP A 56 53.18 11.24 28.18
C TRP A 56 54.67 10.98 28.13
N SER A 57 55.23 10.58 29.27
CA SER A 57 56.64 10.25 29.33
C SER A 57 56.78 8.74 29.43
N GLY A 58 57.83 8.20 28.84
CA GLY A 58 58.07 6.77 28.86
C GLY A 58 57.24 6.01 27.85
N VAL A 59 57.21 4.70 28.02
CA VAL A 59 56.49 3.80 27.11
C VAL A 59 55.10 3.49 27.66
N LEU A 60 54.08 3.90 26.92
CA LEU A 60 52.71 3.57 27.27
C LEU A 60 52.41 2.12 26.91
N ASP A 61 51.89 1.37 27.87
CA ASP A 61 51.50 0.00 27.62
C ASP A 61 50.18 -0.06 26.86
N ALA A 62 50.23 -0.57 25.63
CA ALA A 62 49.07 -0.66 24.77
C ALA A 62 48.71 -2.11 24.50
N THR A 63 48.68 -2.94 25.56
CA THR A 63 48.46 -4.38 25.43
C THR A 63 47.06 -4.83 25.84
N THR A 64 46.28 -3.95 26.48
CA THR A 64 44.95 -4.26 26.93
C THR A 64 43.94 -3.18 26.53
N PHE A 65 42.69 -3.59 26.38
CA PHE A 65 41.59 -2.67 26.20
C PHE A 65 41.43 -1.77 27.44
N GLN A 66 41.07 -0.52 27.16
CA GLN A 66 40.82 0.44 28.22
C GLN A 66 39.33 0.45 28.64
N ASN A 67 39.03 1.32 29.60
CA ASN A 67 37.66 1.45 30.14
C ASN A 67 36.63 1.73 29.06
N VAL A 68 35.43 1.25 29.32
CA VAL A 68 34.27 1.53 28.51
C VAL A 68 33.60 2.80 29.03
N CYS A 69 33.13 3.63 28.11
CA CYS A 69 32.51 4.89 28.48
C CYS A 69 31.26 4.60 29.31
N TYR A 70 31.02 5.42 30.33
CA TYR A 70 29.98 5.16 31.30
C TYR A 70 28.64 5.06 30.58
N GLN A 71 27.91 3.99 30.88
CA GLN A 71 26.67 3.70 30.16
C GLN A 71 25.73 2.77 30.91
N TYR A 72 24.46 2.86 30.50
CA TYR A 72 23.42 1.91 30.87
C TYR A 72 23.83 0.49 30.48
N VAL A 73 23.58 -0.47 31.36
CA VAL A 73 23.87 -1.89 31.10
C VAL A 73 22.54 -2.67 31.07
N ASP A 74 22.32 -3.39 29.98
CA ASP A 74 21.07 -4.12 29.75
C ASP A 74 20.88 -5.20 30.79
N THR A 75 19.68 -5.21 31.37
CA THR A 75 19.28 -6.17 32.39
C THR A 75 18.07 -7.02 31.98
N LEU A 76 17.57 -6.85 30.75
CA LEU A 76 16.33 -7.52 30.33
C LEU A 76 16.43 -9.03 30.50
N TYR A 77 17.52 -9.61 30.01
CA TYR A 77 17.74 -11.07 30.10
C TYR A 77 19.11 -11.40 30.67
N PRO A 78 19.22 -11.40 32.00
CA PRO A 78 20.51 -11.69 32.67
C PRO A 78 21.07 -13.09 32.36
N GLY A 79 22.33 -13.16 31.95
CA GLY A 79 23.00 -14.44 31.66
C GLY A 79 22.93 -14.89 30.20
N PHE A 80 22.17 -14.15 29.38
CA PHE A 80 21.80 -14.57 28.04
C PHE A 80 22.79 -13.97 27.05
N GLU A 81 23.42 -14.82 26.24
CA GLU A 81 24.47 -14.35 25.34
C GLU A 81 23.97 -13.26 24.40
N GLY A 82 22.73 -13.39 23.92
CA GLY A 82 22.17 -12.47 22.93
C GLY A 82 22.17 -11.01 23.35
N THR A 83 22.08 -10.78 24.66
CA THR A 83 22.17 -9.42 25.18
C THR A 83 23.57 -9.12 25.74
N GLU A 84 24.14 -10.06 26.49
CA GLU A 84 25.39 -9.83 27.19
C GLU A 84 26.55 -9.60 26.22
N MET A 85 26.47 -10.15 25.01
CA MET A 85 27.51 -9.94 24.02
C MET A 85 27.69 -8.47 23.62
N TRP A 86 26.69 -7.63 23.91
CA TRP A 86 26.74 -6.19 23.60
C TRP A 86 27.02 -5.34 24.83
N ASN A 87 27.09 -5.96 26.00
CA ASN A 87 27.29 -5.25 27.25
C ASN A 87 28.77 -4.92 27.45
N PRO A 88 29.08 -3.91 28.29
CA PRO A 88 30.49 -3.55 28.48
C PRO A 88 31.31 -4.72 28.97
N ASN A 89 32.51 -4.86 28.44
CA ASN A 89 33.40 -5.96 28.82
C ASN A 89 34.67 -5.47 29.52
N ARG A 90 34.70 -4.19 29.87
CA ARG A 90 35.73 -3.61 30.73
C ARG A 90 35.03 -2.65 31.70
N GLU A 91 35.78 -2.13 32.66
CA GLU A 91 35.26 -1.24 33.68
C GLU A 91 34.62 -0.02 33.06
N LEU A 92 33.48 0.38 33.61
CA LEU A 92 32.84 1.63 33.20
C LEU A 92 33.53 2.78 33.84
N SER A 93 33.85 3.80 33.04
CA SER A 93 34.43 5.03 33.55
C SER A 93 34.18 6.19 32.58
N GLU A 94 34.15 7.41 33.11
CA GLU A 94 34.15 8.62 32.30
C GLU A 94 35.53 8.87 31.68
N ASP A 95 36.57 8.30 32.28
CA ASP A 95 37.89 8.24 31.65
C ASP A 95 37.88 7.06 30.68
N CYS A 96 37.51 7.34 29.44
CA CYS A 96 37.24 6.29 28.47
C CYS A 96 37.65 6.58 27.02
N LEU A 97 38.30 7.71 26.76
CA LEU A 97 38.58 8.14 25.40
C LEU A 97 39.89 7.54 24.94
N TYR A 98 39.81 6.26 24.56
CA TYR A 98 40.94 5.48 24.10
C TYR A 98 40.57 4.87 22.77
N LEU A 99 41.58 4.54 21.96
CA LEU A 99 41.34 3.89 20.69
C LEU A 99 42.27 2.70 20.54
N ASN A 100 41.94 1.85 19.58
CA ASN A 100 42.63 0.58 19.33
C ASN A 100 43.09 0.52 17.87
N VAL A 101 44.27 -0.04 17.64
CA VAL A 101 44.81 -0.27 16.28
C VAL A 101 45.23 -1.75 16.10
N TRP A 102 44.78 -2.38 15.03
CA TRP A 102 45.28 -3.70 14.62
C TRP A 102 45.95 -3.55 13.27
N THR A 103 47.06 -4.24 13.10
CA THR A 103 47.78 -4.22 11.83
C THR A 103 48.38 -5.61 11.63
N PRO A 104 48.80 -5.94 10.39
CA PRO A 104 49.61 -7.11 10.17
C PRO A 104 50.83 -7.18 11.09
N TYR A 105 51.38 -8.37 11.25
CA TYR A 105 52.64 -8.59 11.97
C TYR A 105 53.56 -9.40 11.07
N PRO A 106 54.75 -8.87 10.76
CA PRO A 106 55.20 -7.50 11.08
C PRO A 106 54.34 -6.45 10.39
N ARG A 107 54.47 -5.21 10.83
CA ARG A 107 53.66 -4.10 10.32
C ARG A 107 53.95 -3.93 8.84
N PRO A 108 52.97 -3.46 8.06
CA PRO A 108 53.19 -3.32 6.62
C PRO A 108 54.33 -2.37 6.29
N ALA A 109 55.01 -2.62 5.18
CA ALA A 109 56.16 -1.81 4.79
C ALA A 109 55.80 -0.68 3.82
N SER A 110 54.70 -0.85 3.08
CA SER A 110 54.15 0.22 2.25
C SER A 110 52.79 0.67 2.81
N PRO A 111 52.38 1.92 2.49
CA PRO A 111 51.16 2.48 3.09
C PRO A 111 49.88 1.68 2.80
N THR A 112 49.15 1.35 3.86
CA THR A 112 48.04 0.39 3.77
C THR A 112 46.72 1.06 4.06
N PRO A 113 45.69 0.82 3.22
CA PRO A 113 44.38 1.40 3.46
C PRO A 113 43.86 1.14 4.89
N VAL A 114 43.26 2.17 5.48
CA VAL A 114 42.78 2.11 6.84
C VAL A 114 41.25 2.04 6.93
N LEU A 115 40.76 1.18 7.83
CA LEU A 115 39.33 1.08 8.11
C LEU A 115 39.14 1.56 9.54
N ILE A 116 38.19 2.46 9.75
CA ILE A 116 37.86 2.95 11.08
C ILE A 116 36.45 2.55 11.48
N TRP A 117 36.32 1.80 12.59
CA TRP A 117 35.04 1.32 13.06
C TRP A 117 34.44 2.26 14.07
N ILE A 118 33.16 2.57 13.88
CA ILE A 118 32.41 3.33 14.86
C ILE A 118 31.23 2.48 15.31
N TYR A 119 31.29 2.02 16.56
CA TYR A 119 30.23 1.19 17.11
C TYR A 119 28.91 1.91 17.27
N GLY A 120 27.86 1.09 17.31
CA GLY A 120 26.49 1.50 17.62
C GLY A 120 26.10 1.11 19.04
N GLY A 121 24.80 1.19 19.31
CA GLY A 121 24.26 1.14 20.68
C GLY A 121 23.36 2.31 21.04
N GLY A 122 22.68 2.88 20.04
CA GLY A 122 21.63 3.87 20.24
C GLY A 122 22.12 5.21 20.75
N PHE A 123 23.43 5.44 20.60
CA PHE A 123 24.11 6.58 21.18
C PHE A 123 24.09 6.59 22.73
N TYR A 124 23.62 5.50 23.36
CA TYR A 124 23.60 5.35 24.82
C TYR A 124 24.52 4.23 25.32
N SER A 125 25.12 3.48 24.40
CA SER A 125 25.90 2.32 24.79
C SER A 125 26.92 1.94 23.70
N GLY A 126 27.74 0.96 24.05
CA GLY A 126 28.69 0.37 23.11
C GLY A 126 30.12 0.57 23.57
N ALA A 127 31.03 -0.15 22.92
CA ALA A 127 32.45 -0.15 23.27
C ALA A 127 33.22 -0.69 22.08
N ALA A 128 34.41 -0.16 21.83
CA ALA A 128 35.26 -0.66 20.75
C ALA A 128 35.92 -1.99 21.13
N SER A 129 35.75 -2.42 22.38
CA SER A 129 36.43 -3.60 22.91
C SER A 129 35.61 -4.91 22.84
N LEU A 130 34.41 -4.87 22.29
CA LEU A 130 33.56 -6.04 22.22
C LEU A 130 34.14 -7.06 21.26
N ASP A 131 33.91 -8.34 21.57
CA ASP A 131 34.45 -9.44 20.80
C ASP A 131 34.08 -9.39 19.33
N VAL A 132 32.88 -8.92 19.01
CA VAL A 132 32.43 -8.86 17.61
C VAL A 132 33.09 -7.76 16.80
N TYR A 133 33.81 -6.85 17.46
CA TYR A 133 34.54 -5.77 16.77
C TYR A 133 36.05 -6.04 16.71
N ASP A 134 36.41 -7.31 16.92
CA ASP A 134 37.81 -7.75 16.96
C ASP A 134 38.46 -7.67 15.58
N GLY A 135 39.42 -6.75 15.46
CA GLY A 135 40.07 -6.45 14.19
C GLY A 135 41.12 -7.42 13.70
N ARG A 136 41.40 -8.49 14.45
CA ARG A 136 42.53 -9.37 14.10
C ARG A 136 42.35 -10.14 12.79
N PHE A 137 41.11 -10.51 12.45
CA PHE A 137 40.85 -11.30 11.24
C PHE A 137 41.00 -10.43 9.99
N LEU A 138 40.44 -9.23 10.03
CA LEU A 138 40.61 -8.32 8.90
C LEU A 138 42.09 -7.98 8.68
N ALA A 139 42.82 -7.73 9.75
CA ALA A 139 44.25 -7.40 9.65
C ALA A 139 45.07 -8.59 9.12
N GLN A 140 44.83 -9.77 9.67
CA GLN A 140 45.59 -10.95 9.28
C GLN A 140 45.24 -11.38 7.85
N VAL A 141 43.96 -11.57 7.59
CA VAL A 141 43.52 -12.15 6.31
C VAL A 141 43.57 -11.13 5.19
N GLU A 142 43.11 -9.90 5.42
CA GLU A 142 43.10 -8.89 4.35
C GLU A 142 44.24 -7.89 4.41
N GLY A 143 45.06 -7.95 5.46
CA GLY A 143 46.22 -7.06 5.57
C GLY A 143 45.80 -5.65 5.93
N ALA A 144 44.60 -5.51 6.51
CA ALA A 144 44.05 -4.20 6.84
C ALA A 144 44.70 -3.60 8.08
N VAL A 145 44.78 -2.26 8.11
CA VAL A 145 44.98 -1.52 9.34
C VAL A 145 43.62 -1.07 9.83
N LEU A 146 43.22 -1.51 11.02
CA LEU A 146 41.88 -1.25 11.51
C LEU A 146 41.98 -0.48 12.80
N VAL A 147 41.17 0.57 12.89
CA VAL A 147 41.17 1.43 14.06
C VAL A 147 39.75 1.48 14.60
N SER A 148 39.61 1.42 15.93
CA SER A 148 38.31 1.64 16.57
C SER A 148 38.49 2.50 17.81
N MET A 149 37.60 3.46 18.00
CA MET A 149 37.65 4.37 19.13
C MET A 149 36.43 4.23 20.02
N ASN A 150 36.64 4.52 21.30
CA ASN A 150 35.56 4.74 22.25
C ASN A 150 35.14 6.21 22.10
N TYR A 151 33.84 6.46 22.21
CA TYR A 151 33.31 7.81 22.19
C TYR A 151 32.24 7.88 23.27
N ARG A 152 32.09 9.06 23.88
CA ARG A 152 31.11 9.21 24.95
C ARG A 152 29.68 9.00 24.47
N VAL A 153 28.90 8.37 25.34
CA VAL A 153 27.52 8.00 25.02
C VAL A 153 26.59 8.54 26.10
N GLY A 154 25.29 8.51 25.82
CA GLY A 154 24.30 8.96 26.81
C GLY A 154 24.43 10.43 27.13
N THR A 155 24.15 10.79 28.38
CA THR A 155 24.24 12.16 28.82
C THR A 155 25.68 12.71 28.59
N PHE A 156 26.67 11.87 28.85
CA PHE A 156 28.08 12.27 28.81
C PHE A 156 28.50 12.68 27.41
N GLY A 157 27.91 12.04 26.42
CA GLY A 157 28.25 12.34 25.04
C GLY A 157 27.32 13.32 24.38
N PHE A 158 26.06 13.36 24.83
CA PHE A 158 24.99 13.99 24.05
C PHE A 158 24.00 14.89 24.76
N LEU A 159 24.09 15.02 26.09
CA LEU A 159 23.25 15.98 26.80
C LEU A 159 23.67 17.36 26.32
N ALA A 160 22.70 18.17 25.94
CA ALA A 160 22.94 19.51 25.36
C ALA A 160 22.00 20.54 25.93
N LEU A 161 22.52 21.73 26.19
CA LEU A 161 21.74 22.93 26.34
C LEU A 161 22.22 23.82 25.20
N PRO A 162 21.58 23.71 24.03
CA PRO A 162 22.10 24.37 22.83
C PRO A 162 22.31 25.86 23.01
N GLY A 163 23.41 26.37 22.46
CA GLY A 163 23.79 27.76 22.63
C GLY A 163 24.68 27.98 23.84
N SER A 164 24.75 27.01 24.75
CA SER A 164 25.57 27.15 25.94
C SER A 164 27.03 26.87 25.64
N ARG A 165 27.90 27.45 26.45
CA ARG A 165 29.33 27.17 26.43
C ARG A 165 29.63 25.82 27.10
N GLU A 166 28.88 25.48 28.14
CA GLU A 166 29.26 24.38 29.03
C GLU A 166 28.67 23.02 28.64
N ALA A 167 27.65 23.01 27.80
CA ALA A 167 27.06 21.76 27.32
C ALA A 167 26.55 22.00 25.91
N PRO A 168 27.47 22.20 24.95
CA PRO A 168 27.09 22.63 23.61
C PRO A 168 26.42 21.55 22.78
N GLY A 169 26.57 20.28 23.20
CA GLY A 169 25.98 19.16 22.47
C GLY A 169 26.92 18.50 21.49
N ASN A 170 26.59 17.27 21.08
CA ASN A 170 27.36 16.55 20.06
C ASN A 170 28.83 16.20 20.42
N VAL A 171 29.15 16.17 21.70
CA VAL A 171 30.55 16.00 22.09
C VAL A 171 31.05 14.58 21.82
N GLY A 172 30.13 13.61 21.85
CA GLY A 172 30.48 12.24 21.49
C GLY A 172 30.90 12.13 20.03
N LEU A 173 30.29 12.95 19.16
CA LEU A 173 30.69 13.02 17.76
C LEU A 173 32.03 13.72 17.60
N LEU A 174 32.29 14.70 18.47
CA LEU A 174 33.56 15.39 18.46
C LEU A 174 34.66 14.46 18.94
N ASP A 175 34.34 13.59 19.91
CA ASP A 175 35.28 12.53 20.34
C ASP A 175 35.69 11.69 19.12
N GLN A 176 34.69 11.29 18.32
CA GLN A 176 34.94 10.51 17.10
C GLN A 176 35.83 11.27 16.15
N ARG A 177 35.52 12.55 15.97
CA ARG A 177 36.27 13.37 15.04
C ARG A 177 37.73 13.51 15.46
N LEU A 178 37.97 13.65 16.77
CA LEU A 178 39.32 13.76 17.31
C LEU A 178 40.10 12.48 17.06
N ALA A 179 39.43 11.33 17.17
CA ALA A 179 40.06 10.07 16.81
C ALA A 179 40.42 10.07 15.32
N LEU A 180 39.55 10.62 14.46
CA LEU A 180 39.86 10.65 13.03
C LEU A 180 41.09 11.53 12.78
N GLN A 181 41.19 12.63 13.51
CA GLN A 181 42.36 13.52 13.43
C GLN A 181 43.61 12.79 13.89
N TRP A 182 43.49 12.03 14.97
CA TRP A 182 44.58 11.20 15.47
C TRP A 182 45.09 10.26 14.37
N VAL A 183 44.17 9.61 13.67
CA VAL A 183 44.57 8.72 12.56
C VAL A 183 45.35 9.50 11.50
N GLN A 184 44.86 10.67 11.11
CA GLN A 184 45.55 11.46 10.09
C GLN A 184 46.99 11.71 10.48
N GLU A 185 47.22 12.07 11.74
CA GLU A 185 48.56 12.43 12.18
C GLU A 185 49.45 11.23 12.47
N ASN A 186 48.87 10.14 12.99
CA ASN A 186 49.65 9.05 13.59
C ASN A 186 49.67 7.70 12.88
N ILE A 187 48.70 7.44 11.99
CA ILE A 187 48.50 6.07 11.48
C ILE A 187 49.66 5.59 10.57
N ALA A 188 50.38 6.54 9.97
CA ALA A 188 51.58 6.19 9.17
C ALA A 188 52.65 5.53 10.03
N ALA A 189 52.68 5.83 11.33
CA ALA A 189 53.63 5.19 12.25
C ALA A 189 53.41 3.68 12.34
N PHE A 190 52.21 3.21 11.93
CA PHE A 190 51.84 1.80 11.99
C PHE A 190 51.80 1.17 10.60
N GLY A 191 52.12 1.95 9.57
CA GLY A 191 52.04 1.47 8.18
C GLY A 191 50.72 1.75 7.49
N GLY A 192 49.82 2.46 8.17
CA GLY A 192 48.54 2.86 7.57
C GLY A 192 48.69 4.08 6.66
N ASP A 193 47.79 4.19 5.68
CA ASP A 193 47.80 5.26 4.71
C ASP A 193 46.77 6.31 5.11
N PRO A 194 47.22 7.47 5.64
CA PRO A 194 46.22 8.50 5.96
C PRO A 194 45.44 9.01 4.73
N MET A 195 45.94 8.78 3.52
CA MET A 195 45.24 9.22 2.34
C MET A 195 44.24 8.18 1.83
N SER A 196 44.04 7.10 2.58
CA SER A 196 43.00 6.12 2.29
C SER A 196 42.38 5.57 3.59
N VAL A 197 41.37 6.28 4.06
CA VAL A 197 40.66 5.99 5.29
C VAL A 197 39.19 5.80 4.95
N THR A 198 38.66 4.66 5.35
CA THR A 198 37.25 4.34 5.12
C THR A 198 36.60 4.21 6.48
N LEU A 199 35.54 4.99 6.72
CA LEU A 199 34.75 4.82 7.95
C LEU A 199 33.72 3.73 7.75
N PHE A 200 33.55 2.88 8.76
CA PHE A 200 32.41 1.98 8.76
C PHE A 200 31.83 1.87 10.15
N GLY A 201 30.52 1.67 10.22
CA GLY A 201 29.82 1.57 11.49
C GLY A 201 28.44 0.96 11.28
N GLU A 202 27.89 0.42 12.36
CA GLU A 202 26.56 -0.14 12.36
C GLU A 202 25.62 0.62 13.30
N ALA A 203 24.36 0.72 12.89
CA ALA A 203 23.30 1.32 13.71
C ALA A 203 23.66 2.77 14.02
N ALA A 204 23.73 3.15 15.30
CA ALA A 204 24.15 4.52 15.67
C ALA A 204 25.56 4.87 15.14
N GLY A 205 26.40 3.85 14.97
CA GLY A 205 27.72 4.02 14.39
C GLY A 205 27.62 4.43 12.93
N ALA A 206 26.67 3.82 12.22
CA ALA A 206 26.33 4.19 10.84
C ALA A 206 25.76 5.62 10.75
N ALA A 207 24.85 5.95 11.65
CA ALA A 207 24.32 7.31 11.78
C ALA A 207 25.47 8.30 11.96
N SER A 208 26.41 7.97 12.85
CA SER A 208 27.60 8.78 13.10
C SER A 208 28.44 8.96 11.83
N VAL A 209 28.70 7.87 11.11
CA VAL A 209 29.41 7.95 9.81
C VAL A 209 28.71 8.96 8.92
N GLY A 210 27.38 8.85 8.82
CA GLY A 210 26.57 9.75 8.03
C GLY A 210 26.69 11.20 8.46
N MET A 211 26.76 11.45 9.75
CA MET A 211 26.96 12.82 10.23
C MET A 211 28.36 13.37 9.93
N HIS A 212 29.36 12.50 9.89
CA HIS A 212 30.67 12.94 9.42
C HIS A 212 30.64 13.31 7.94
N ILE A 213 29.87 12.58 7.13
CA ILE A 213 29.65 12.94 5.72
C ILE A 213 28.98 14.31 5.62
N LEU A 214 28.10 14.62 6.57
CA LEU A 214 27.31 15.84 6.48
C LEU A 214 27.94 17.02 7.20
N SER A 215 29.08 16.80 7.85
CA SER A 215 29.75 17.86 8.62
C SER A 215 31.11 18.19 8.04
N LEU A 216 31.25 19.45 7.62
CA LEU A 216 32.39 19.90 6.81
C LEU A 216 33.76 19.55 7.43
N PRO A 217 34.00 19.93 8.69
CA PRO A 217 35.33 19.63 9.26
C PRO A 217 35.70 18.14 9.34
N SER A 218 34.73 17.24 9.25
CA SER A 218 35.02 15.81 9.21
C SER A 218 35.45 15.31 7.82
N ARG A 219 35.06 16.03 6.76
CA ARG A 219 35.22 15.55 5.37
C ARG A 219 36.66 15.45 4.87
N SER A 220 37.54 16.25 5.46
CA SER A 220 38.95 16.16 5.17
C SER A 220 39.62 15.00 5.88
N LEU A 221 38.88 14.30 6.75
CA LEU A 221 39.48 13.26 7.61
C LEU A 221 39.21 11.84 7.14
N PHE A 222 38.53 11.67 6.00
CA PHE A 222 38.28 10.33 5.44
C PHE A 222 37.87 10.42 3.96
N HIS A 223 37.82 9.27 3.29
CA HIS A 223 37.63 9.26 1.84
C HIS A 223 36.42 8.47 1.33
N ARG A 224 36.01 7.45 2.08
CA ARG A 224 34.90 6.58 1.72
C ARG A 224 34.17 6.16 3.00
N ALA A 225 32.94 5.69 2.88
CA ALA A 225 32.12 5.41 4.05
C ALA A 225 31.20 4.21 3.84
N VAL A 226 30.99 3.45 4.93
CA VAL A 226 30.06 2.34 4.96
C VAL A 226 29.07 2.54 6.08
N LEU A 227 27.79 2.54 5.74
CA LEU A 227 26.71 2.69 6.71
C LEU A 227 25.87 1.41 6.78
N GLN A 228 26.04 0.66 7.87
CA GLN A 228 25.34 -0.59 8.08
C GLN A 228 24.16 -0.39 9.03
N SER A 229 22.93 -0.58 8.54
CA SER A 229 21.72 -0.54 9.39
C SER A 229 21.56 0.73 10.20
N GLY A 230 21.83 1.87 9.58
CA GLY A 230 21.70 3.15 10.26
C GLY A 230 21.98 4.29 9.36
N THR A 231 21.35 5.43 9.66
CA THR A 231 21.45 6.62 8.84
C THR A 231 21.38 7.86 9.73
N PRO A 232 21.91 8.98 9.22
CA PRO A 232 21.83 10.23 9.98
C PRO A 232 20.42 10.84 9.93
N ASN A 233 19.75 10.68 8.80
CA ASN A 233 18.33 11.00 8.65
C ASN A 233 17.50 9.91 9.31
N GLY A 234 16.20 10.19 9.51
CA GLY A 234 15.29 9.24 10.12
C GLY A 234 14.85 9.70 11.49
N PRO A 235 13.97 8.94 12.13
CA PRO A 235 13.26 9.35 13.33
C PRO A 235 13.98 9.30 14.68
N TRP A 236 15.13 8.64 14.76
CA TRP A 236 15.80 8.42 16.05
C TRP A 236 17.20 8.98 16.21
N ALA A 237 17.87 9.33 15.11
CA ALA A 237 19.31 9.63 15.15
C ALA A 237 19.64 11.06 15.60
N THR A 238 18.69 11.98 15.48
CA THR A 238 18.88 13.37 15.91
C THR A 238 17.66 13.87 16.64
N VAL A 239 17.85 14.96 17.40
CA VAL A 239 16.75 15.72 17.98
C VAL A 239 16.95 17.20 17.65
N SER A 240 15.89 17.99 17.70
CA SER A 240 16.00 19.44 17.54
C SER A 240 16.63 20.05 18.79
N ALA A 241 17.07 21.30 18.68
CA ALA A 241 17.64 22.01 19.80
C ALA A 241 16.64 22.10 20.97
N GLY A 242 15.39 22.43 20.67
CA GLY A 242 14.34 22.55 21.68
C GLY A 242 14.07 21.26 22.43
N GLU A 243 14.07 20.14 21.70
CA GLU A 243 13.87 18.84 22.34
C GLU A 243 15.06 18.45 23.22
N ALA A 244 16.28 18.71 22.75
CA ALA A 244 17.48 18.41 23.53
C ALA A 244 17.47 19.19 24.84
N ARG A 245 17.11 20.47 24.74
CA ARG A 245 17.01 21.33 25.90
C ARG A 245 15.96 20.86 26.90
N ARG A 246 14.82 20.42 26.37
CA ARG A 246 13.73 19.89 27.19
C ARG A 246 14.18 18.66 27.97
N ARG A 247 14.83 17.74 27.26
CA ARG A 247 15.36 16.52 27.86
C ARG A 247 16.47 16.78 28.90
N ALA A 248 17.41 17.66 28.57
CA ALA A 248 18.49 18.03 29.49
C ALA A 248 17.92 18.63 30.76
N THR A 249 16.93 19.51 30.59
CA THR A 249 16.34 20.22 31.72
C THR A 249 15.55 19.29 32.63
N LEU A 250 14.77 18.39 32.04
CA LEU A 250 14.04 17.39 32.80
C LEU A 250 15.01 16.46 33.55
N LEU A 251 16.05 15.99 32.88
CA LEU A 251 17.05 15.13 33.55
C LEU A 251 17.65 15.85 34.76
N ALA A 252 18.05 17.10 34.57
CA ALA A 252 18.56 17.91 35.67
C ALA A 252 17.59 17.91 36.87
N ARG A 253 16.32 18.21 36.63
CA ARG A 253 15.29 18.15 37.68
C ARG A 253 15.26 16.77 38.36
N LEU A 254 15.20 15.72 37.55
CA LEU A 254 15.13 14.36 38.10
C LEU A 254 16.31 13.98 38.99
N VAL A 255 17.49 14.55 38.74
CA VAL A 255 18.66 14.28 39.57
C VAL A 255 18.89 15.38 40.61
N GLY A 256 17.98 16.33 40.71
CA GLY A 256 17.99 17.32 41.80
C GLY A 256 18.69 18.63 41.49
N CYS A 257 18.76 18.98 40.21
CA CYS A 257 19.45 20.18 39.78
C CYS A 257 18.46 21.16 39.16
N ASN A 265 19.24 29.87 33.91
CA ASN A 265 20.70 29.99 33.75
C ASN A 265 21.36 28.64 33.52
N ASP A 266 21.98 28.47 32.35
CA ASP A 266 22.54 27.18 31.93
C ASP A 266 23.79 26.80 32.71
N THR A 267 24.63 27.80 32.98
CA THR A 267 25.88 27.60 33.71
C THR A 267 25.64 26.93 35.05
N GLU A 268 24.70 27.46 35.81
CA GLU A 268 24.35 26.94 37.13
C GLU A 268 23.76 25.52 37.03
N LEU A 269 22.97 25.26 36.00
CA LEU A 269 22.35 23.96 35.82
C LEU A 269 23.40 22.91 35.48
N ILE A 270 24.30 23.25 34.56
CA ILE A 270 25.36 22.34 34.16
C ILE A 270 26.37 22.15 35.28
N ALA A 271 26.72 23.22 35.99
CA ALA A 271 27.57 23.11 37.17
C ALA A 271 27.02 22.06 38.14
N CYS A 272 25.71 22.10 38.38
CA CYS A 272 25.06 21.17 39.30
C CYS A 272 25.10 19.75 38.72
N LEU A 273 24.85 19.60 37.43
CA LEU A 273 24.92 18.26 36.79
C LEU A 273 26.33 17.67 36.91
N ARG A 274 27.35 18.51 36.80
CA ARG A 274 28.74 18.06 36.97
C ARG A 274 29.06 17.54 38.35
N THR A 275 28.26 17.91 39.35
CA THR A 275 28.45 17.40 40.70
C THR A 275 27.83 16.01 40.90
N ARG A 276 26.97 15.57 39.99
CA ARG A 276 26.28 14.30 40.19
C ARG A 276 27.16 13.09 39.84
N PRO A 277 27.06 12.01 40.63
CA PRO A 277 27.70 10.75 40.24
C PRO A 277 27.26 10.32 38.85
N ALA A 278 28.17 9.74 38.07
CA ALA A 278 27.84 9.26 36.73
C ALA A 278 26.65 8.33 36.73
N GLN A 279 26.54 7.49 37.77
CA GLN A 279 25.49 6.48 37.79
C GLN A 279 24.10 7.10 37.99
N ASP A 280 24.03 8.21 38.73
CA ASP A 280 22.76 8.92 38.90
C ASP A 280 22.22 9.40 37.56
N LEU A 281 23.09 9.86 36.68
CA LEU A 281 22.67 10.30 35.34
C LEU A 281 22.16 9.11 34.53
N VAL A 282 22.90 8.01 34.58
CA VAL A 282 22.50 6.78 33.89
C VAL A 282 21.17 6.27 34.39
N ASP A 283 20.98 6.25 35.71
CA ASP A 283 19.76 5.74 36.32
C ASP A 283 18.50 6.51 35.91
N HIS A 284 18.64 7.75 35.43
CA HIS A 284 17.46 8.52 35.03
C HIS A 284 17.33 8.80 33.55
N GLU A 285 18.25 8.30 32.74
CA GLU A 285 18.30 8.75 31.36
C GLU A 285 17.09 8.31 30.52
N TRP A 286 16.50 7.16 30.85
CA TRP A 286 15.33 6.70 30.12
C TRP A 286 14.06 7.48 30.49
N HIS A 287 14.09 8.21 31.58
CA HIS A 287 12.89 8.87 32.07
C HIS A 287 12.50 10.14 31.30
N VAL A 288 13.32 10.57 30.35
CA VAL A 288 13.09 11.84 29.66
C VAL A 288 12.47 11.71 28.27
N LEU A 289 12.33 10.50 27.75
CA LEU A 289 11.69 10.34 26.43
C LEU A 289 10.23 10.83 26.51
N PRO A 290 9.76 11.51 25.46
CA PRO A 290 8.41 12.06 25.48
C PRO A 290 7.27 11.02 25.45
N GLN A 291 7.49 9.87 24.83
CA GLN A 291 6.45 8.83 24.78
C GLN A 291 6.97 7.47 25.24
N GLU A 292 6.05 6.58 25.56
CA GLU A 292 6.37 5.16 25.68
C GLU A 292 6.78 4.71 24.29
N SER A 293 8.01 4.24 24.12
CA SER A 293 8.51 3.92 22.79
C SER A 293 9.57 2.86 22.75
N ILE A 294 9.83 2.33 21.54
CA ILE A 294 11.02 1.53 21.29
C ILE A 294 11.77 2.15 20.11
N PHE A 295 13.06 1.82 20.01
CA PHE A 295 13.95 2.41 18.98
C PHE A 295 13.97 3.94 19.13
N ARG A 296 13.91 4.41 20.37
CA ARG A 296 14.14 5.83 20.69
C ARG A 296 15.09 5.93 21.85
N PHE A 297 15.96 6.95 21.79
CA PHE A 297 17.03 7.12 22.75
C PHE A 297 17.09 8.58 23.20
N SER A 298 17.33 8.76 24.49
CA SER A 298 17.17 10.06 25.12
C SER A 298 18.20 11.09 24.68
N PHE A 299 19.45 10.67 24.63
CA PHE A 299 20.53 11.63 24.38
C PHE A 299 21.29 11.25 23.12
N VAL A 300 21.02 12.03 22.05
CA VAL A 300 21.54 11.76 20.70
C VAL A 300 22.04 13.07 20.06
N PRO A 301 22.70 12.96 18.88
CA PRO A 301 23.07 14.19 18.20
C PRO A 301 21.96 15.22 18.13
N VAL A 302 22.35 16.48 18.23
CA VAL A 302 21.40 17.59 18.20
C VAL A 302 21.66 18.43 16.94
N VAL A 303 20.57 18.88 16.32
CA VAL A 303 20.70 19.81 15.18
C VAL A 303 21.01 21.16 15.81
N ASP A 304 22.30 21.43 15.92
CA ASP A 304 22.84 22.58 16.66
C ASP A 304 23.21 23.78 15.80
N GLY A 305 23.19 23.61 14.49
CA GLY A 305 23.62 24.69 13.59
C GLY A 305 25.12 24.86 13.54
N ASP A 306 25.85 23.85 14.02
CA ASP A 306 27.31 23.89 14.12
C ASP A 306 27.84 22.56 13.56
N PHE A 307 27.97 21.51 14.37
CA PHE A 307 28.31 20.19 13.82
C PHE A 307 27.34 19.84 12.71
N LEU A 308 26.06 20.01 12.99
CA LEU A 308 25.02 19.82 11.98
C LEU A 308 24.44 21.18 11.65
N SER A 309 24.74 21.68 10.45
CA SER A 309 24.35 23.03 10.09
C SER A 309 22.85 23.13 9.79
N ASP A 310 22.24 21.99 9.46
CA ASP A 310 20.79 21.91 9.28
C ASP A 310 20.41 20.45 9.57
N THR A 311 19.13 20.12 9.46
CA THR A 311 18.70 18.76 9.73
C THR A 311 19.39 17.88 8.69
N PRO A 312 19.72 16.63 9.05
CA PRO A 312 20.18 15.66 8.07
C PRO A 312 19.29 15.56 6.81
N GLU A 313 17.97 15.70 6.97
CA GLU A 313 17.04 15.68 5.82
C GLU A 313 17.38 16.78 4.84
N ALA A 314 17.51 18.00 5.35
CA ALA A 314 17.86 19.14 4.51
C ALA A 314 19.20 18.90 3.86
N LEU A 315 20.18 18.44 4.64
CA LEU A 315 21.56 18.32 4.15
C LEU A 315 21.72 17.24 3.08
N ILE A 316 21.01 16.12 3.20
CA ILE A 316 21.04 15.11 2.12
C ILE A 316 20.23 15.55 0.88
N ASN A 317 19.28 16.47 1.03
CA ASN A 317 18.50 16.94 -0.12
C ASN A 317 19.25 17.97 -0.96
N THR A 318 20.04 18.82 -0.31
CA THR A 318 20.75 19.91 -0.97
C THR A 318 22.23 19.64 -1.23
N GLY A 319 22.79 18.63 -0.56
CA GLY A 319 24.23 18.41 -0.66
C GLY A 319 24.75 17.99 -2.02
N ASP A 320 26.02 18.30 -2.29
CA ASP A 320 26.73 17.86 -3.48
C ASP A 320 27.66 16.71 -3.10
N PHE A 321 27.35 15.49 -3.54
CA PHE A 321 28.11 14.30 -3.13
C PHE A 321 28.83 13.62 -4.28
N GLN A 322 29.23 14.42 -5.27
CA GLN A 322 29.91 13.91 -6.46
C GLN A 322 31.20 13.14 -6.15
N ASP A 323 31.93 13.57 -5.12
CA ASP A 323 33.20 12.99 -4.71
CA ASP A 323 33.20 12.89 -4.83
C ASP A 323 33.06 11.86 -3.69
N LEU A 324 31.83 11.41 -3.44
CA LEU A 324 31.55 10.43 -2.39
C LEU A 324 31.29 9.04 -2.92
N GLN A 325 31.90 8.04 -2.29
CA GLN A 325 31.56 6.64 -2.52
C GLN A 325 31.09 6.01 -1.21
N VAL A 326 29.91 5.40 -1.24
CA VAL A 326 29.30 4.87 -0.04
C VAL A 326 28.73 3.47 -0.29
N LEU A 327 28.88 2.62 0.72
CA LEU A 327 28.28 1.31 0.77
C LEU A 327 27.27 1.36 1.91
N VAL A 328 26.01 0.99 1.63
CA VAL A 328 24.93 1.02 2.65
C VAL A 328 24.09 -0.23 2.60
N GLY A 329 23.44 -0.58 3.70
CA GLY A 329 22.54 -1.73 3.65
C GLY A 329 21.89 -2.06 4.96
N VAL A 330 21.17 -3.17 4.97
CA VAL A 330 20.27 -3.53 6.07
C VAL A 330 20.29 -5.03 6.26
N VAL A 331 19.84 -5.49 7.42
CA VAL A 331 19.62 -6.94 7.63
C VAL A 331 18.14 -7.27 7.36
N LYS A 332 17.83 -8.56 7.27
CA LYS A 332 16.49 -9.00 6.89
C LYS A 332 15.44 -8.58 7.92
N ASP A 333 15.80 -8.59 9.20
CA ASP A 333 14.82 -8.32 10.26
C ASP A 333 15.26 -7.26 11.26
N GLU A 334 15.34 -6.04 10.77
CA GLU A 334 15.84 -4.92 11.57
C GLU A 334 15.02 -4.68 12.86
N GLY A 335 13.71 -4.88 12.77
CA GLY A 335 12.83 -4.52 13.87
C GLY A 335 12.70 -5.48 15.02
N SER A 336 12.97 -6.76 14.78
CA SER A 336 12.54 -7.82 15.71
C SER A 336 13.09 -7.69 17.13
N TYR A 337 14.39 -7.44 17.23
CA TYR A 337 15.11 -7.21 18.50
C TYR A 337 14.36 -6.30 19.48
N PHE A 338 13.90 -5.18 18.93
CA PHE A 338 13.37 -4.08 19.71
C PHE A 338 12.02 -4.36 20.35
N LEU A 339 11.28 -5.31 19.81
CA LEU A 339 9.93 -5.59 20.25
C LEU A 339 9.86 -6.14 21.67
N VAL A 340 10.87 -6.91 22.08
CA VAL A 340 10.86 -7.51 23.42
C VAL A 340 11.28 -6.50 24.49
N TYR A 341 11.61 -5.29 24.07
CA TYR A 341 12.01 -4.21 24.98
C TYR A 341 10.88 -3.22 25.23
N GLY A 342 9.66 -3.56 24.88
CA GLY A 342 8.59 -2.58 24.98
C GLY A 342 7.20 -2.92 24.48
N VAL A 343 7.06 -3.83 23.53
CA VAL A 343 5.72 -4.11 22.99
C VAL A 343 5.09 -5.26 23.77
N PRO A 344 3.99 -5.00 24.49
CA PRO A 344 3.39 -6.11 25.21
C PRO A 344 3.00 -7.24 24.24
N GLY A 345 3.29 -8.48 24.65
CA GLY A 345 3.00 -9.67 23.87
C GLY A 345 4.25 -10.29 23.28
N PHE A 346 5.36 -9.56 23.31
CA PHE A 346 6.62 -10.04 22.75
C PHE A 346 7.64 -10.54 23.80
N SER A 347 8.28 -11.66 23.49
CA SER A 347 9.27 -12.28 24.37
C SER A 347 10.22 -13.11 23.54
N LYS A 348 11.46 -13.23 23.98
CA LYS A 348 12.42 -14.10 23.33
C LYS A 348 12.14 -15.58 23.67
N ASP A 349 11.37 -15.84 24.73
CA ASP A 349 11.20 -17.21 25.26
C ASP A 349 9.89 -17.89 24.84
N ASN A 350 9.09 -17.20 24.02
CA ASN A 350 7.96 -17.82 23.31
C ASN A 350 7.89 -17.25 21.89
N GLU A 351 6.93 -17.73 21.10
CA GLU A 351 6.82 -17.39 19.67
C GLU A 351 6.20 -16.02 19.41
N SER A 352 5.76 -15.35 20.47
CA SER A 352 5.29 -13.98 20.40
C SER A 352 4.16 -13.79 19.39
N LEU A 353 3.27 -14.76 19.33
CA LEU A 353 2.07 -14.66 18.52
C LEU A 353 1.14 -13.66 19.20
N ILE A 354 0.75 -12.61 18.49
CA ILE A 354 0.01 -11.51 19.11
C ILE A 354 -1.37 -11.38 18.47
N SER A 355 -2.25 -10.69 19.18
CA SER A 355 -3.57 -10.36 18.73
C SER A 355 -3.55 -9.05 17.93
N ARG A 356 -4.67 -8.79 17.26
CA ARG A 356 -4.82 -7.55 16.54
C ARG A 356 -4.79 -6.36 17.50
N ALA A 357 -5.38 -6.53 18.68
CA ALA A 357 -5.33 -5.50 19.73
C ALA A 357 -3.89 -5.14 20.12
N GLN A 358 -3.07 -6.17 20.30
CA GLN A 358 -1.69 -5.99 20.67
C GLN A 358 -0.85 -5.40 19.54
N PHE A 359 -1.28 -5.62 18.30
CA PHE A 359 -0.64 -5.03 17.14
C PHE A 359 -0.92 -3.53 17.07
N LEU A 360 -2.18 -3.14 17.27
CA LEU A 360 -2.53 -1.71 17.28
C LEU A 360 -1.79 -0.94 18.40
N ALA A 361 -1.78 -1.52 19.61
CA ALA A 361 -1.02 -0.97 20.75
C ALA A 361 0.48 -0.88 20.42
N GLY A 362 1.01 -1.95 19.85
CA GLY A 362 2.40 -2.01 19.44
C GLY A 362 2.77 -0.91 18.47
N VAL A 363 1.88 -0.60 17.53
CA VAL A 363 2.16 0.44 16.54
C VAL A 363 2.31 1.82 17.19
N ARG A 364 1.56 2.09 18.26
CA ARG A 364 1.70 3.37 18.97
C ARG A 364 3.06 3.44 19.67
N ILE A 365 3.59 2.29 20.09
CA ILE A 365 4.88 2.25 20.78
C ILE A 365 6.04 2.29 19.76
N GLY A 366 5.84 1.65 18.61
CA GLY A 366 6.87 1.59 17.59
C GLY A 366 6.93 2.81 16.68
N VAL A 367 5.83 3.55 16.58
CA VAL A 367 5.78 4.76 15.78
C VAL A 367 5.27 5.86 16.72
N PRO A 368 6.07 6.16 17.76
CA PRO A 368 5.62 6.97 18.90
C PRO A 368 5.22 8.41 18.61
N GLN A 369 5.74 8.99 17.53
CA GLN A 369 5.44 10.37 17.18
CA GLN A 369 5.45 10.37 17.16
C GLN A 369 4.22 10.50 16.26
N ALA A 370 3.62 9.37 15.90
CA ALA A 370 2.48 9.33 14.99
C ALA A 370 1.19 9.74 15.65
N SER A 371 0.46 10.65 15.00
CA SER A 371 -0.93 10.92 15.34
C SER A 371 -1.79 9.67 15.19
N ASP A 372 -3.02 9.75 15.67
CA ASP A 372 -3.97 8.65 15.55
C ASP A 372 -4.22 8.27 14.08
N LEU A 373 -4.34 9.27 13.21
CA LEU A 373 -4.61 9.02 11.80
C LEU A 373 -3.42 8.31 11.12
N ALA A 374 -2.21 8.77 11.42
CA ALA A 374 -0.99 8.17 10.87
C ALA A 374 -0.84 6.73 11.36
N ALA A 375 -1.15 6.50 12.63
CA ALA A 375 -1.08 5.16 13.21
C ALA A 375 -2.05 4.25 12.48
N GLU A 376 -3.24 4.76 12.15
CA GLU A 376 -4.23 3.98 11.40
C GLU A 376 -3.75 3.70 9.98
N ALA A 377 -3.16 4.70 9.34
CA ALA A 377 -2.51 4.48 8.05
C ALA A 377 -1.51 3.31 8.12
N VAL A 378 -0.68 3.30 9.16
CA VAL A 378 0.32 2.24 9.33
C VAL A 378 -0.34 0.87 9.48
N VAL A 379 -1.31 0.78 10.39
CA VAL A 379 -2.03 -0.48 10.63
C VAL A 379 -2.70 -1.03 9.37
N LEU A 380 -3.33 -0.12 8.62
CA LEU A 380 -4.01 -0.49 7.40
C LEU A 380 -3.04 -0.97 6.32
N HIS A 381 -1.88 -0.34 6.24
CA HIS A 381 -0.87 -0.72 5.24
C HIS A 381 -0.26 -2.07 5.55
N TYR A 382 -0.04 -2.35 6.83
CA TYR A 382 0.71 -3.53 7.26
C TYR A 382 -0.18 -4.73 7.56
N THR A 383 -1.48 -4.50 7.72
CA THR A 383 -2.44 -5.58 7.80
C THR A 383 -2.52 -6.36 6.50
N ASP A 384 -2.53 -7.68 6.62
CA ASP A 384 -2.89 -8.57 5.54
C ASP A 384 -4.40 -8.75 5.55
N TRP A 385 -5.10 -8.10 4.63
CA TRP A 385 -6.57 -8.08 4.67
C TRP A 385 -7.22 -9.42 4.29
N LEU A 386 -6.42 -10.37 3.86
CA LEU A 386 -6.86 -11.76 3.74
C LEU A 386 -6.84 -12.50 5.07
N HIS A 387 -5.92 -12.11 5.95
CA HIS A 387 -5.75 -12.75 7.25
C HIS A 387 -5.53 -11.70 8.32
N PRO A 388 -6.50 -10.79 8.52
CA PRO A 388 -6.27 -9.63 9.38
C PRO A 388 -6.10 -9.96 10.87
N GLU A 389 -6.42 -11.18 11.29
CA GLU A 389 -6.36 -11.59 12.69
C GLU A 389 -5.31 -12.65 12.95
N ASP A 390 -4.57 -13.05 11.92
CA ASP A 390 -3.59 -14.12 12.07
C ASP A 390 -2.40 -13.66 12.91
N PRO A 391 -2.18 -14.30 14.07
CA PRO A 391 -1.17 -13.83 15.01
C PRO A 391 0.28 -13.92 14.50
N THR A 392 0.57 -14.89 13.63
CA THR A 392 1.91 -14.99 13.03
C THR A 392 2.15 -13.80 12.11
N HIS A 393 1.18 -13.49 11.23
CA HIS A 393 1.38 -12.32 10.36
CA HIS A 393 1.28 -12.32 10.35
C HIS A 393 1.46 -11.04 11.18
N LEU A 394 0.65 -10.91 12.22
CA LEU A 394 0.64 -9.69 13.04
C LEU A 394 1.99 -9.51 13.74
N ARG A 395 2.54 -10.59 14.30
CA ARG A 395 3.87 -10.54 14.90
C ARG A 395 4.89 -10.03 13.89
N ASP A 396 4.93 -10.68 12.74
CA ASP A 396 5.90 -10.37 11.70
C ASP A 396 5.70 -8.96 11.15
N ALA A 397 4.45 -8.51 11.07
CA ALA A 397 4.13 -7.13 10.66
C ALA A 397 4.58 -6.11 11.69
N MET A 398 4.44 -6.42 12.97
CA MET A 398 4.93 -5.53 14.02
C MET A 398 6.43 -5.30 13.82
N SER A 399 7.16 -6.39 13.59
CA SER A 399 8.61 -6.32 13.36
C SER A 399 8.92 -5.47 12.15
N ALA A 400 8.22 -5.72 11.04
CA ALA A 400 8.41 -4.95 9.81
C ALA A 400 8.15 -3.45 9.99
N VAL A 401 7.08 -3.10 10.69
CA VAL A 401 6.79 -1.71 10.95
C VAL A 401 8.02 -1.00 11.53
N VAL A 402 8.58 -1.60 12.58
CA VAL A 402 9.65 -0.98 13.36
C VAL A 402 10.95 -0.96 12.58
N GLY A 403 11.22 -2.05 11.87
CA GLY A 403 12.39 -2.12 10.98
C GLY A 403 12.34 -1.11 9.82
N ASP A 404 11.20 -1.07 9.13
CA ASP A 404 11.02 -0.16 7.99
C ASP A 404 11.06 1.30 8.39
N HIS A 405 10.32 1.64 9.43
CA HIS A 405 10.24 3.01 9.92
C HIS A 405 11.61 3.53 10.32
N ASN A 406 12.35 2.72 11.07
CA ASN A 406 13.59 3.17 11.69
C ASN A 406 14.87 2.92 10.91
N VAL A 407 14.91 1.89 10.06
CA VAL A 407 16.13 1.54 9.34
C VAL A 407 15.93 1.44 7.84
N VAL A 408 15.05 0.52 7.39
CA VAL A 408 14.99 0.22 5.97
C VAL A 408 14.62 1.47 5.16
N CYS A 409 13.59 2.21 5.55
CA CYS A 409 13.15 3.33 4.71
C CYS A 409 14.05 4.58 4.80
N PRO A 410 14.57 4.89 5.98
CA PRO A 410 15.70 5.84 6.06
C PRO A 410 16.90 5.51 5.17
N VAL A 411 17.28 4.24 5.10
CA VAL A 411 18.38 3.82 4.24
C VAL A 411 18.01 3.99 2.76
N ALA A 412 16.82 3.52 2.38
CA ALA A 412 16.29 3.73 1.03
C ALA A 412 16.33 5.22 0.67
N GLN A 413 15.85 6.06 1.57
CA GLN A 413 15.84 7.49 1.34
C GLN A 413 17.28 8.02 1.16
N LEU A 414 18.18 7.66 2.07
CA LEU A 414 19.57 8.09 1.96
C LEU A 414 20.22 7.66 0.64
N ALA A 415 20.09 6.39 0.29
CA ALA A 415 20.69 5.85 -0.94
C ALA A 415 20.17 6.58 -2.18
N GLY A 416 18.88 6.91 -2.18
CA GLY A 416 18.27 7.65 -3.29
C GLY A 416 18.75 9.07 -3.42
N ARG A 417 18.83 9.79 -2.31
CA ARG A 417 19.28 11.18 -2.35
C ARG A 417 20.75 11.25 -2.71
N LEU A 418 21.54 10.38 -2.10
CA LEU A 418 22.99 10.35 -2.34
C LEU A 418 23.27 10.10 -3.83
N ALA A 419 22.64 9.09 -4.41
CA ALA A 419 22.82 8.76 -5.83
C ALA A 419 22.32 9.88 -6.76
N ALA A 420 21.20 10.49 -6.40
CA ALA A 420 20.65 11.58 -7.20
C ALA A 420 21.57 12.79 -7.18
N GLN A 421 22.35 12.94 -6.12
CA GLN A 421 23.21 14.11 -5.95
C GLN A 421 24.71 13.82 -6.15
N GLY A 422 25.01 12.75 -6.89
CA GLY A 422 26.35 12.51 -7.44
C GLY A 422 27.16 11.36 -6.87
N ALA A 423 26.70 10.76 -5.77
CA ALA A 423 27.49 9.74 -5.09
C ALA A 423 27.49 8.42 -5.85
N ARG A 424 28.54 7.64 -5.66
CA ARG A 424 28.55 6.26 -6.07
C ARG A 424 28.08 5.47 -4.88
N VAL A 425 26.94 4.77 -5.02
CA VAL A 425 26.31 4.08 -3.90
C VAL A 425 26.22 2.59 -4.22
N TYR A 426 26.58 1.76 -3.24
CA TYR A 426 26.38 0.30 -3.34
C TYR A 426 25.47 -0.12 -2.21
N ALA A 427 24.48 -0.96 -2.50
CA ALA A 427 23.45 -1.28 -1.48
C ALA A 427 23.28 -2.77 -1.31
N TYR A 428 23.05 -3.22 -0.09
CA TYR A 428 22.82 -4.65 0.15
C TYR A 428 21.65 -4.90 1.12
N ILE A 429 21.14 -6.12 1.09
CA ILE A 429 20.37 -6.68 2.19
C ILE A 429 21.08 -7.96 2.65
N PHE A 430 21.35 -8.04 3.95
CA PHE A 430 22.02 -9.18 4.57
C PHE A 430 20.99 -10.14 5.13
N GLU A 431 21.00 -11.37 4.65
CA GLU A 431 19.92 -12.32 4.91
C GLU A 431 20.35 -13.64 5.52
N HIS A 432 21.60 -13.76 5.96
CA HIS A 432 22.02 -14.99 6.62
C HIS A 432 21.92 -14.93 8.15
N ARG A 433 21.19 -15.90 8.71
CA ARG A 433 21.08 -16.05 10.15
C ARG A 433 22.21 -16.91 10.69
N ALA A 434 23.06 -16.33 11.55
CA ALA A 434 24.15 -17.10 12.16
C ALA A 434 23.61 -18.40 12.74
N SER A 435 24.29 -19.51 12.43
CA SER A 435 23.93 -20.83 12.98
C SER A 435 24.04 -20.90 14.51
N THR A 436 24.81 -20.00 15.11
CA THR A 436 25.04 -19.97 16.54
C THR A 436 24.21 -18.89 17.27
N LEU A 437 23.26 -18.27 16.57
CA LEU A 437 22.48 -17.16 17.13
C LEU A 437 21.63 -17.67 18.29
N THR A 438 21.62 -16.98 19.43
CA THR A 438 20.90 -17.45 20.61
C THR A 438 19.50 -16.84 20.76
N TRP A 439 19.19 -15.81 19.97
CA TRP A 439 17.85 -15.25 19.90
C TRP A 439 16.96 -16.25 19.18
N PRO A 440 15.64 -16.22 19.45
CA PRO A 440 14.73 -17.20 18.85
C PRO A 440 14.60 -17.04 17.36
N LEU A 441 14.13 -18.10 16.69
CA LEU A 441 14.01 -18.12 15.24
C LEU A 441 13.04 -17.08 14.71
N TRP A 442 11.99 -16.77 15.46
CA TRP A 442 11.00 -15.82 14.98
C TRP A 442 11.61 -14.44 14.69
N MET A 443 12.71 -14.11 15.35
CA MET A 443 13.39 -12.81 15.14
C MET A 443 14.20 -12.71 13.84
N GLY A 444 14.34 -13.83 13.14
CA GLY A 444 15.05 -13.86 11.87
C GLY A 444 16.53 -13.49 11.94
N VAL A 445 16.92 -12.53 11.11
CA VAL A 445 18.28 -11.99 11.09
C VAL A 445 18.17 -10.62 11.74
N PRO A 446 18.40 -10.56 13.07
CA PRO A 446 18.17 -9.34 13.80
C PRO A 446 19.25 -8.28 13.62
N HIS A 447 18.86 -7.06 13.97
CA HIS A 447 19.72 -5.89 13.98
C HIS A 447 21.03 -6.21 14.70
N GLY A 448 22.15 -6.06 14.01
CA GLY A 448 23.48 -6.31 14.58
C GLY A 448 24.17 -7.59 14.20
N TYR A 449 23.44 -8.53 13.59
CA TYR A 449 23.94 -9.91 13.44
C TYR A 449 24.63 -10.20 12.09
N GLU A 450 24.94 -9.14 11.36
CA GLU A 450 25.87 -9.19 10.23
C GLU A 450 27.32 -8.88 10.66
N ILE A 451 27.48 -8.14 11.76
CA ILE A 451 28.76 -7.59 12.15
C ILE A 451 29.82 -8.69 12.33
N GLU A 452 29.48 -9.73 13.11
CA GLU A 452 30.38 -10.85 13.34
C GLU A 452 30.87 -11.50 12.05
N PHE A 453 30.10 -11.40 10.97
CA PHE A 453 30.57 -11.89 9.66
C PHE A 453 31.51 -10.92 8.92
N ILE A 454 31.25 -9.64 8.99
CA ILE A 454 32.09 -8.64 8.34
C ILE A 454 33.48 -8.65 8.99
N PHE A 455 33.52 -8.81 10.31
CA PHE A 455 34.78 -8.83 11.06
C PHE A 455 35.50 -10.18 11.01
N GLY A 456 34.84 -11.21 10.46
CA GLY A 456 35.50 -12.49 10.16
C GLY A 456 35.62 -13.47 11.32
N LEU A 457 34.77 -13.33 12.33
CA LEU A 457 34.79 -14.25 13.46
C LEU A 457 34.65 -15.72 13.08
N PRO A 458 33.79 -16.06 12.10
CA PRO A 458 33.72 -17.48 11.65
C PRO A 458 35.03 -18.12 11.23
N LEU A 459 36.06 -17.31 10.97
CA LEU A 459 37.39 -17.83 10.63
C LEU A 459 38.05 -18.51 11.82
N ASP A 460 37.54 -18.26 13.03
CA ASP A 460 38.06 -18.87 14.23
C ASP A 460 37.32 -20.17 14.46
N PRO A 461 38.02 -21.31 14.33
CA PRO A 461 37.32 -22.59 14.42
C PRO A 461 36.72 -22.84 15.81
N SER A 462 37.31 -22.27 16.84
CA SER A 462 36.83 -22.47 18.21
C SER A 462 35.41 -21.93 18.44
N LEU A 463 34.92 -21.08 17.53
CA LEU A 463 33.58 -20.47 17.65
C LEU A 463 32.44 -21.29 17.04
N ASN A 464 32.75 -22.40 16.37
CA ASN A 464 31.69 -23.36 15.97
C ASN A 464 30.75 -22.88 14.84
N TYR A 465 31.17 -21.92 14.04
CA TYR A 465 30.40 -21.61 12.82
C TYR A 465 30.62 -22.76 11.85
N THR A 466 29.78 -22.85 10.82
CA THR A 466 29.93 -23.87 9.79
C THR A 466 31.00 -23.47 8.78
N THR A 467 31.41 -24.44 7.97
CA THR A 467 32.36 -24.23 6.88
C THR A 467 31.86 -23.21 5.87
N GLU A 468 30.56 -23.31 5.55
CA GLU A 468 29.92 -22.40 4.62
C GLU A 468 29.90 -21.00 5.21
N GLU A 469 29.73 -20.91 6.53
CA GLU A 469 29.76 -19.62 7.22
C GLU A 469 31.16 -18.97 7.17
N ARG A 470 32.19 -19.79 7.31
CA ARG A 470 33.58 -19.37 7.12
C ARG A 470 33.83 -18.79 5.71
N ILE A 471 33.42 -19.53 4.68
CA ILE A 471 33.55 -19.06 3.28
C ILE A 471 32.77 -17.77 3.04
N PHE A 472 31.58 -17.69 3.64
CA PHE A 472 30.74 -16.50 3.56
C PHE A 472 31.43 -15.29 4.18
N ALA A 473 31.94 -15.45 5.40
CA ALA A 473 32.73 -14.39 6.04
C ALA A 473 33.90 -13.90 5.15
N GLN A 474 34.63 -14.83 4.57
CA GLN A 474 35.75 -14.47 3.70
C GLN A 474 35.32 -13.62 2.52
N ARG A 475 34.18 -13.92 1.91
CA ARG A 475 33.63 -13.07 0.83
C ARG A 475 33.31 -11.66 1.31
N LEU A 476 32.65 -11.56 2.46
CA LEU A 476 32.23 -10.26 3.01
C LEU A 476 33.42 -9.36 3.32
N MET A 477 34.42 -9.92 3.99
CA MET A 477 35.66 -9.20 4.28
C MET A 477 36.31 -8.71 2.99
N LYS A 478 36.21 -9.50 1.92
CA LYS A 478 36.75 -9.11 0.61
C LYS A 478 35.96 -7.93 0.02
N TYR A 479 34.64 -8.03 0.03
CA TYR A 479 33.78 -6.94 -0.43
C TYR A 479 34.10 -5.63 0.32
N TRP A 480 34.18 -5.70 1.65
CA TRP A 480 34.37 -4.51 2.49
C TRP A 480 35.76 -3.89 2.29
N THR A 481 36.78 -4.74 2.18
CA THR A 481 38.15 -4.26 2.00
C THR A 481 38.41 -3.82 0.58
N ASN A 482 37.80 -4.49 -0.41
CA ASN A 482 37.90 -3.99 -1.79
C ASN A 482 37.29 -2.60 -1.91
N PHE A 483 36.16 -2.41 -1.23
CA PHE A 483 35.53 -1.10 -1.19
C PHE A 483 36.43 -0.04 -0.52
N ALA A 484 36.97 -0.39 0.63
CA ALA A 484 37.96 0.43 1.31
C ALA A 484 39.11 0.80 0.38
N ARG A 485 39.66 -0.17 -0.33
CA ARG A 485 40.82 0.07 -1.21
C ARG A 485 40.51 0.96 -2.42
N THR A 486 39.34 0.74 -3.03
CA THR A 486 39.08 1.25 -4.40
C THR A 486 37.77 2.02 -4.55
N GLY A 487 36.87 1.94 -3.58
CA GLY A 487 35.52 2.50 -3.71
C GLY A 487 34.59 1.60 -4.52
N ASP A 488 34.96 0.34 -4.68
CA ASP A 488 34.19 -0.63 -5.47
C ASP A 488 34.37 -1.99 -4.79
N PRO A 489 33.27 -2.60 -4.31
CA PRO A 489 33.39 -3.86 -3.57
C PRO A 489 33.79 -5.06 -4.45
N ASN A 490 33.66 -4.92 -5.75
CA ASN A 490 33.96 -6.01 -6.69
C ASN A 490 35.46 -6.28 -6.81
N ASP A 491 35.81 -7.55 -7.01
CA ASP A 491 37.20 -7.94 -7.20
C ASP A 491 37.60 -7.62 -8.63
N PRO A 492 38.64 -6.78 -8.80
CA PRO A 492 39.04 -6.39 -10.16
C PRO A 492 39.56 -7.58 -10.98
N ARG A 493 40.04 -8.62 -10.32
CA ARG A 493 40.43 -9.86 -10.99
C ARG A 493 39.19 -10.65 -11.42
N ASP A 494 38.47 -11.15 -10.41
CA ASP A 494 37.43 -12.15 -10.57
C ASP A 494 36.21 -11.64 -11.35
N SER A 495 36.24 -11.78 -12.67
CA SER A 495 35.09 -11.47 -13.52
C SER A 495 34.06 -12.61 -13.54
N LYS A 496 34.49 -13.81 -13.16
CA LYS A 496 33.62 -15.00 -13.12
C LYS A 496 32.54 -14.92 -12.01
N SER A 497 32.87 -14.33 -10.85
CA SER A 497 31.89 -14.13 -9.78
C SER A 497 30.86 -13.08 -10.19
N PRO A 498 29.63 -13.19 -9.67
CA PRO A 498 28.63 -12.19 -10.04
C PRO A 498 29.02 -10.81 -9.50
N GLN A 499 28.66 -9.77 -10.26
CA GLN A 499 29.06 -8.41 -9.95
C GLN A 499 27.99 -7.67 -9.13
N TRP A 500 28.46 -6.73 -8.31
CA TRP A 500 27.63 -5.87 -7.49
C TRP A 500 27.50 -4.52 -8.21
N PRO A 501 26.33 -4.23 -8.82
CA PRO A 501 26.14 -2.99 -9.55
C PRO A 501 25.87 -1.83 -8.61
N PRO A 502 26.28 -0.61 -8.97
CA PRO A 502 25.90 0.53 -8.13
C PRO A 502 24.38 0.74 -8.07
N TYR A 503 23.91 1.21 -6.92
CA TYR A 503 22.54 1.65 -6.76
C TYR A 503 22.32 2.97 -7.46
N THR A 504 21.27 3.04 -8.28
CA THR A 504 20.89 4.28 -8.96
C THR A 504 19.40 4.53 -8.79
N THR A 505 18.98 5.77 -9.04
CA THR A 505 17.54 6.06 -8.98
C THR A 505 16.79 5.40 -10.14
N ALA A 506 17.43 5.29 -11.29
CA ALA A 506 16.80 4.65 -12.45
C ALA A 506 16.53 3.17 -12.23
N ALA A 507 17.56 2.43 -11.80
CA ALA A 507 17.46 0.97 -11.72
C ALA A 507 17.25 0.46 -10.29
N GLN A 508 17.67 1.24 -9.29
CA GLN A 508 17.45 0.89 -7.88
C GLN A 508 18.00 -0.50 -7.50
N GLN A 509 19.15 -0.85 -8.05
CA GLN A 509 19.74 -2.16 -7.84
C GLN A 509 20.48 -2.28 -6.50
N TYR A 510 20.36 -3.46 -5.91
CA TYR A 510 21.05 -3.83 -4.70
C TYR A 510 21.23 -5.35 -4.68
N VAL A 511 22.06 -5.85 -3.77
CA VAL A 511 22.41 -7.27 -3.77
C VAL A 511 21.99 -7.97 -2.51
N SER A 512 21.65 -9.26 -2.63
CA SER A 512 21.44 -10.10 -1.46
C SER A 512 22.78 -10.67 -0.99
N LEU A 513 23.07 -10.47 0.30
CA LEU A 513 24.23 -11.08 0.94
C LEU A 513 23.76 -12.28 1.76
N ASN A 514 24.00 -13.46 1.23
CA ASN A 514 23.69 -14.71 1.91
C ASN A 514 24.68 -15.79 1.45
N LEU A 515 24.41 -17.05 1.81
CA LEU A 515 25.31 -18.16 1.45
C LEU A 515 25.39 -18.45 -0.05
N LYS A 516 24.40 -17.99 -0.80
CA LYS A 516 24.36 -18.13 -2.25
C LYS A 516 25.16 -17.01 -2.93
N PRO A 517 25.63 -17.26 -4.17
CA PRO A 517 26.30 -16.19 -4.90
C PRO A 517 25.42 -14.94 -5.00
N LEU A 518 26.04 -13.76 -5.11
CA LEU A 518 25.30 -12.49 -5.15
C LEU A 518 24.16 -12.50 -6.16
N GLU A 519 22.98 -12.08 -5.70
CA GLU A 519 21.82 -11.92 -6.55
C GLU A 519 21.43 -10.45 -6.55
N VAL A 520 21.29 -9.88 -7.75
CA VAL A 520 20.89 -8.48 -7.90
C VAL A 520 19.38 -8.39 -7.83
N ARG A 521 18.88 -7.52 -6.96
CA ARG A 521 17.45 -7.24 -6.83
C ARG A 521 17.19 -5.78 -7.11
N ARG A 522 15.93 -5.43 -7.32
CA ARG A 522 15.58 -4.06 -7.68
C ARG A 522 14.51 -3.51 -6.73
N GLY A 523 14.75 -2.31 -6.22
CA GLY A 523 13.80 -1.63 -5.36
C GLY A 523 13.94 -2.04 -3.90
N LEU A 524 14.48 -1.15 -3.08
CA LEU A 524 14.58 -1.42 -1.65
C LEU A 524 13.25 -1.06 -1.01
N ARG A 525 12.37 -2.03 -0.86
CA ARG A 525 11.02 -1.79 -0.32
C ARG A 525 10.34 -0.61 -0.97
N ALA A 526 10.38 -0.56 -2.30
CA ALA A 526 9.94 0.62 -3.03
C ALA A 526 8.53 1.09 -2.65
N GLN A 527 7.53 0.21 -2.63
CA GLN A 527 6.16 0.67 -2.35
C GLN A 527 5.97 1.10 -0.92
N THR A 528 6.39 0.26 0.03
CA THR A 528 6.23 0.58 1.44
C THR A 528 7.05 1.82 1.85
N CYS A 529 8.25 1.99 1.29
CA CYS A 529 9.04 3.16 1.67
C CYS A 529 8.50 4.45 1.02
N ALA A 530 7.74 4.32 -0.07
CA ALA A 530 6.93 5.43 -0.59
C ALA A 530 5.94 5.89 0.47
N PHE A 531 5.35 4.93 1.19
CA PHE A 531 4.41 5.27 2.26
C PHE A 531 5.10 6.09 3.36
N TRP A 532 6.19 5.55 3.91
CA TRP A 532 6.91 6.20 5.00
C TRP A 532 7.60 7.51 4.61
N ASN A 533 8.16 7.57 3.41
CA ASN A 533 9.03 8.68 2.98
C ASN A 533 8.36 9.76 2.16
N ARG A 534 7.23 9.43 1.52
CA ARG A 534 6.50 10.41 0.71
C ARG A 534 5.11 10.69 1.24
N PHE A 535 4.39 9.67 1.72
CA PHE A 535 3.02 9.91 2.17
C PHE A 535 2.94 10.44 3.58
N LEU A 536 3.51 9.74 4.55
CA LEU A 536 3.38 10.21 5.94
C LEU A 536 3.85 11.67 6.17
N PRO A 537 4.98 12.07 5.58
CA PRO A 537 5.37 13.48 5.65
C PRO A 537 4.31 14.46 5.09
N LYS A 538 3.69 14.11 3.96
CA LYS A 538 2.62 14.95 3.39
C LYS A 538 1.39 14.97 4.29
N LEU A 539 1.13 13.88 5.00
CA LEU A 539 0.04 13.85 5.97
C LEU A 539 0.33 14.85 7.08
N LEU A 540 1.54 14.74 7.65
CA LEU A 540 2.02 15.63 8.72
C LEU A 540 1.71 17.11 8.48
N SER A 541 2.04 17.60 7.29
CA SER A 541 1.60 18.94 6.87
C SER A 541 0.05 19.01 6.82
N ALA A 542 -0.57 19.10 8.00
CA ALA A 542 -2.02 19.04 8.20
C ALA A 542 -2.45 17.63 8.69
N GLU B 4 -53.43 -17.95 -37.04
CA GLU B 4 -53.28 -17.53 -35.60
C GLU B 4 -52.62 -18.68 -34.80
N ASP B 5 -51.40 -18.44 -34.33
CA ASP B 5 -50.64 -19.45 -33.59
C ASP B 5 -51.01 -19.34 -32.11
N PRO B 6 -51.72 -20.34 -31.56
CA PRO B 6 -52.18 -20.25 -30.17
C PRO B 6 -51.07 -20.17 -29.12
N GLN B 7 -49.85 -20.58 -29.47
CA GLN B 7 -48.70 -20.41 -28.58
C GLN B 7 -48.33 -18.94 -28.43
N LEU B 8 -48.71 -18.13 -29.43
CA LEU B 8 -48.41 -16.70 -29.43
C LEU B 8 -49.59 -15.84 -28.95
N LEU B 9 -50.65 -16.46 -28.44
CA LEU B 9 -51.78 -15.74 -27.86
C LEU B 9 -51.81 -15.95 -26.35
N VAL B 10 -51.70 -14.86 -25.59
CA VAL B 10 -51.71 -14.90 -24.13
C VAL B 10 -52.72 -13.90 -23.57
N ARG B 11 -53.48 -14.32 -22.56
CA ARG B 11 -54.33 -13.40 -21.82
C ARG B 11 -53.65 -13.02 -20.50
N VAL B 12 -53.37 -11.72 -20.35
CA VAL B 12 -52.87 -11.16 -19.11
C VAL B 12 -54.01 -10.38 -18.46
N ARG B 13 -53.78 -9.79 -17.29
CA ARG B 13 -54.86 -9.10 -16.55
C ARG B 13 -55.45 -7.94 -17.33
N GLY B 14 -54.62 -7.25 -18.11
CA GLY B 14 -55.08 -6.09 -18.85
C GLY B 14 -55.80 -6.41 -20.14
N GLY B 15 -55.68 -7.65 -20.60
CA GLY B 15 -56.30 -8.08 -21.85
C GLY B 15 -55.44 -9.06 -22.62
N GLN B 16 -55.75 -9.21 -23.91
CA GLN B 16 -55.09 -10.20 -24.77
C GLN B 16 -53.90 -9.63 -25.52
N LEU B 17 -52.88 -10.47 -25.69
CA LEU B 17 -51.64 -10.09 -26.36
C LEU B 17 -51.39 -11.08 -27.46
N ARG B 18 -50.71 -10.62 -28.51
CA ARG B 18 -50.19 -11.54 -29.53
C ARG B 18 -48.70 -11.35 -29.67
N GLY B 19 -47.96 -12.44 -29.49
CA GLY B 19 -46.51 -12.41 -29.60
C GLY B 19 -46.03 -12.80 -30.99
N ILE B 20 -44.74 -13.06 -31.10
CA ILE B 20 -44.10 -13.37 -32.37
C ILE B 20 -43.13 -14.52 -32.16
N ARG B 21 -43.09 -15.43 -33.12
CA ARG B 21 -42.18 -16.55 -33.07
C ARG B 21 -40.83 -16.10 -33.62
N LEU B 22 -39.79 -16.16 -32.79
CA LEU B 22 -38.45 -15.82 -33.23
C LEU B 22 -37.62 -17.08 -33.41
N LYS B 23 -36.59 -16.98 -34.24
CA LYS B 23 -35.71 -18.10 -34.55
C LYS B 23 -34.42 -17.92 -33.77
N ALA B 24 -34.14 -18.86 -32.86
CA ALA B 24 -32.85 -18.94 -32.23
C ALA B 24 -32.10 -20.04 -32.99
N PRO B 25 -30.76 -20.10 -32.86
CA PRO B 25 -29.98 -21.10 -33.61
C PRO B 25 -30.44 -22.54 -33.42
N GLY B 26 -30.85 -22.89 -32.21
CA GLY B 26 -31.27 -24.26 -31.89
C GLY B 26 -32.75 -24.52 -32.09
N GLY B 27 -33.52 -23.48 -32.35
CA GLY B 27 -34.95 -23.62 -32.55
C GLY B 27 -35.74 -22.36 -32.28
N PRO B 28 -37.08 -22.44 -32.38
CA PRO B 28 -37.95 -21.28 -32.16
C PRO B 28 -38.08 -20.87 -30.69
N VAL B 29 -38.39 -19.59 -30.48
CA VAL B 29 -38.79 -19.08 -29.16
C VAL B 29 -39.99 -18.16 -29.34
N SER B 30 -40.80 -18.02 -28.30
CA SER B 30 -41.90 -17.04 -28.30
C SER B 30 -41.43 -15.73 -27.70
N ALA B 31 -41.74 -14.62 -28.36
CA ALA B 31 -41.39 -13.30 -27.86
C ALA B 31 -42.66 -12.47 -27.79
N PHE B 32 -42.86 -11.83 -26.65
CA PHE B 32 -43.94 -10.88 -26.44
C PHE B 32 -43.30 -9.55 -26.05
N LEU B 33 -43.24 -8.65 -27.02
CA LEU B 33 -42.44 -7.44 -26.96
C LEU B 33 -43.29 -6.18 -26.94
N GLY B 34 -42.90 -5.18 -26.17
CA GLY B 34 -43.63 -3.91 -26.11
C GLY B 34 -44.94 -3.96 -25.35
N ILE B 35 -45.00 -4.75 -24.28
CA ILE B 35 -46.21 -4.87 -23.46
C ILE B 35 -46.25 -3.71 -22.46
N PRO B 36 -47.33 -2.90 -22.48
CA PRO B 36 -47.42 -1.78 -21.54
C PRO B 36 -47.63 -2.25 -20.10
N PHE B 37 -46.80 -1.79 -19.17
CA PHE B 37 -47.00 -2.07 -17.73
C PHE B 37 -47.40 -0.82 -16.92
N ALA B 38 -47.44 0.34 -17.56
CA ALA B 38 -47.84 1.58 -16.92
C ALA B 38 -48.58 2.48 -17.89
N GLU B 39 -49.34 3.43 -17.35
CA GLU B 39 -49.86 4.52 -18.17
C GLU B 39 -48.65 5.31 -18.64
N PRO B 40 -48.65 5.77 -19.91
CA PRO B 40 -47.54 6.61 -20.35
C PRO B 40 -47.28 7.81 -19.42
N PRO B 41 -46.02 7.98 -18.98
CA PRO B 41 -45.70 9.05 -18.03
C PRO B 41 -45.47 10.38 -18.73
N VAL B 42 -46.50 10.85 -19.41
CA VAL B 42 -46.39 12.03 -20.26
C VAL B 42 -47.23 13.18 -19.72
N GLY B 43 -46.88 14.39 -20.14
CA GLY B 43 -47.56 15.60 -19.71
C GLY B 43 -47.45 15.87 -18.21
N SER B 44 -48.60 15.87 -17.54
CA SER B 44 -48.68 16.10 -16.11
C SER B 44 -48.05 14.97 -15.32
N ARG B 45 -47.88 13.82 -15.96
CA ARG B 45 -47.31 12.64 -15.30
C ARG B 45 -45.77 12.60 -15.35
N ARG B 46 -45.15 13.58 -16.01
CA ARG B 46 -43.68 13.67 -16.02
C ARG B 46 -43.17 13.91 -14.61
N PHE B 47 -42.11 13.18 -14.23
CA PHE B 47 -41.50 13.19 -12.88
C PHE B 47 -42.35 12.51 -11.81
N MET B 48 -43.53 12.02 -12.16
CA MET B 48 -44.44 11.42 -11.19
C MET B 48 -44.28 9.91 -11.16
N PRO B 49 -44.56 9.29 -10.01
CA PRO B 49 -44.59 7.83 -9.95
C PRO B 49 -45.45 7.22 -11.06
N PRO B 50 -45.11 6.00 -11.51
CA PRO B 50 -45.90 5.35 -12.56
C PRO B 50 -47.25 4.85 -12.06
N GLU B 51 -48.29 4.94 -12.89
CA GLU B 51 -49.59 4.38 -12.55
C GLU B 51 -49.78 3.10 -13.36
N PRO B 52 -50.49 2.11 -12.80
CA PRO B 52 -50.75 0.90 -13.58
C PRO B 52 -51.50 1.14 -14.90
N LYS B 53 -51.14 0.37 -15.91
CA LYS B 53 -51.75 0.43 -17.24
C LYS B 53 -53.21 0.04 -17.18
N ARG B 54 -54.09 0.86 -17.75
CA ARG B 54 -55.50 0.52 -17.88
C ARG B 54 -55.68 -0.65 -18.87
N PRO B 55 -56.70 -1.49 -18.64
CA PRO B 55 -56.96 -2.61 -19.55
C PRO B 55 -57.34 -2.16 -20.95
N TRP B 56 -57.21 -3.06 -21.91
CA TRP B 56 -57.38 -2.73 -23.33
C TRP B 56 -58.29 -3.73 -24.02
N SER B 57 -58.92 -3.28 -25.09
CA SER B 57 -59.84 -4.10 -25.86
C SER B 57 -59.09 -4.94 -26.88
N GLY B 58 -59.71 -6.01 -27.35
CA GLY B 58 -59.17 -6.80 -28.44
C GLY B 58 -57.80 -7.39 -28.11
N VAL B 59 -57.00 -7.61 -29.16
CA VAL B 59 -55.70 -8.27 -29.05
C VAL B 59 -54.60 -7.26 -29.30
N LEU B 60 -53.78 -7.00 -28.27
CA LEU B 60 -52.69 -6.03 -28.37
C LEU B 60 -51.50 -6.65 -29.06
N ASP B 61 -50.99 -5.96 -30.08
CA ASP B 61 -49.88 -6.41 -30.91
C ASP B 61 -48.57 -6.31 -30.12
N ALA B 62 -48.03 -7.45 -29.70
CA ALA B 62 -46.77 -7.50 -28.92
C ALA B 62 -45.67 -8.22 -29.71
N THR B 63 -45.46 -7.78 -30.96
CA THR B 63 -44.55 -8.42 -31.89
C THR B 63 -43.26 -7.62 -32.11
N THR B 64 -43.23 -6.38 -31.63
CA THR B 64 -42.09 -5.49 -31.86
C THR B 64 -41.70 -4.76 -30.57
N PHE B 65 -40.42 -4.36 -30.51
CA PHE B 65 -39.93 -3.57 -29.38
C PHE B 65 -40.59 -2.20 -29.44
N GLN B 66 -40.86 -1.63 -28.28
CA GLN B 66 -41.42 -0.29 -28.18
C GLN B 66 -40.31 0.78 -28.17
N ASN B 67 -40.72 2.03 -28.03
CA ASN B 67 -39.81 3.18 -27.98
C ASN B 67 -38.86 3.13 -26.79
N VAL B 68 -37.71 3.76 -26.96
CA VAL B 68 -36.73 3.91 -25.90
C VAL B 68 -37.06 5.15 -25.06
N CYS B 69 -36.92 5.06 -23.74
CA CYS B 69 -37.17 6.20 -22.88
C CYS B 69 -36.25 7.34 -23.27
N TYR B 70 -36.79 8.56 -23.26
CA TYR B 70 -36.06 9.72 -23.78
C TYR B 70 -34.73 9.90 -23.04
N GLN B 71 -33.66 10.09 -23.80
CA GLN B 71 -32.32 10.09 -23.22
C GLN B 71 -31.28 10.75 -24.09
N TYR B 72 -30.17 11.08 -23.44
CA TYR B 72 -28.95 11.54 -24.10
C TYR B 72 -28.43 10.44 -25.00
N VAL B 73 -28.03 10.83 -26.20
CA VAL B 73 -27.41 9.94 -27.17
C VAL B 73 -25.94 10.30 -27.31
N ASP B 74 -25.08 9.29 -27.17
CA ASP B 74 -23.64 9.50 -27.21
C ASP B 74 -23.17 9.97 -28.57
N THR B 75 -22.22 10.90 -28.60
CA THR B 75 -21.70 11.45 -29.84
C THR B 75 -20.17 11.38 -29.95
N LEU B 76 -19.51 10.76 -28.97
CA LEU B 76 -18.05 10.77 -28.91
C LEU B 76 -17.40 10.21 -30.18
N TYR B 77 -17.92 9.08 -30.65
CA TYR B 77 -17.38 8.39 -31.81
C TYR B 77 -18.50 8.00 -32.76
N PRO B 78 -18.98 8.96 -33.57
CA PRO B 78 -20.10 8.69 -34.49
C PRO B 78 -19.83 7.52 -35.45
N GLY B 79 -20.73 6.55 -35.48
CA GLY B 79 -20.60 5.39 -36.38
C GLY B 79 -19.76 4.24 -35.83
N PHE B 80 -19.16 4.43 -34.65
CA PHE B 80 -18.29 3.44 -34.04
C PHE B 80 -19.15 2.43 -33.26
N GLU B 81 -19.01 1.15 -33.58
CA GLU B 81 -19.80 0.10 -32.95
C GLU B 81 -19.67 0.07 -31.43
N GLY B 82 -18.46 0.28 -30.92
CA GLY B 82 -18.18 0.14 -29.49
C GLY B 82 -19.00 1.08 -28.63
N THR B 83 -19.34 2.26 -29.18
CA THR B 83 -20.22 3.21 -28.51
C THR B 83 -21.69 3.08 -28.97
N GLU B 84 -21.88 2.87 -30.27
CA GLU B 84 -23.21 2.87 -30.88
C GLU B 84 -24.03 1.65 -30.50
N MET B 85 -23.37 0.55 -30.12
CA MET B 85 -24.07 -0.65 -29.67
C MET B 85 -24.86 -0.42 -28.37
N TRP B 86 -24.56 0.69 -27.69
CA TRP B 86 -25.24 1.07 -26.45
C TRP B 86 -26.27 2.19 -26.64
N ASN B 87 -26.25 2.82 -27.81
CA ASN B 87 -27.17 3.92 -28.14
C ASN B 87 -28.56 3.40 -28.49
N PRO B 88 -29.59 4.27 -28.35
CA PRO B 88 -30.96 3.83 -28.62
C PRO B 88 -31.09 3.27 -30.03
N ASN B 89 -31.80 2.14 -30.14
CA ASN B 89 -32.01 1.49 -31.44
C ASN B 89 -33.49 1.47 -31.85
N ARG B 90 -34.32 2.23 -31.12
CA ARG B 90 -35.69 2.54 -31.54
C ARG B 90 -35.91 4.01 -31.25
N GLU B 91 -36.99 4.57 -31.77
CA GLU B 91 -37.30 5.98 -31.58
C GLU B 91 -37.38 6.33 -30.10
N LEU B 92 -36.92 7.52 -29.76
CA LEU B 92 -36.99 8.03 -28.40
C LEU B 92 -38.40 8.54 -28.09
N SER B 93 -38.90 8.26 -26.88
CA SER B 93 -40.19 8.80 -26.46
C SER B 93 -40.30 8.78 -24.95
N GLU B 94 -41.05 9.73 -24.38
CA GLU B 94 -41.39 9.67 -22.96
C GLU B 94 -42.42 8.58 -22.69
N ASP B 95 -43.15 8.22 -23.73
CA ASP B 95 -44.06 7.10 -23.72
C ASP B 95 -43.22 5.85 -23.97
N CYS B 96 -42.68 5.28 -22.89
CA CYS B 96 -41.71 4.19 -23.02
C CYS B 96 -41.85 3.08 -21.97
N LEU B 97 -42.91 3.09 -21.19
CA LEU B 97 -43.01 2.15 -20.09
C LEU B 97 -43.64 0.83 -20.57
N TYR B 98 -42.79 0.03 -21.22
CA TYR B 98 -43.16 -1.25 -21.80
C TYR B 98 -42.12 -2.30 -21.40
N LEU B 99 -42.54 -3.56 -21.38
CA LEU B 99 -41.64 -4.67 -21.11
C LEU B 99 -41.75 -5.77 -22.14
N ASN B 100 -40.76 -6.66 -22.10
CA ASN B 100 -40.55 -7.72 -23.09
C ASN B 100 -40.39 -9.05 -22.36
N VAL B 101 -41.02 -10.11 -22.89
CA VAL B 101 -40.92 -11.47 -22.37
C VAL B 101 -40.53 -12.43 -23.49
N TRP B 102 -39.46 -13.21 -23.28
CA TRP B 102 -39.14 -14.35 -24.12
C TRP B 102 -39.43 -15.63 -23.35
N THR B 103 -40.06 -16.60 -24.01
CA THR B 103 -40.23 -17.94 -23.43
C THR B 103 -39.88 -18.98 -24.48
N PRO B 104 -39.69 -20.25 -24.06
CA PRO B 104 -39.59 -21.38 -24.97
C PRO B 104 -40.82 -21.53 -25.86
N TYR B 105 -40.63 -22.18 -27.00
CA TYR B 105 -41.70 -22.49 -27.92
C TYR B 105 -41.65 -24.00 -28.16
N PRO B 106 -42.72 -24.73 -27.80
CA PRO B 106 -43.98 -24.28 -27.20
C PRO B 106 -43.76 -23.82 -25.78
N ARG B 107 -44.70 -23.07 -25.22
CA ARG B 107 -44.49 -22.48 -23.90
C ARG B 107 -44.38 -23.57 -22.83
N PRO B 108 -43.64 -23.28 -21.75
CA PRO B 108 -43.36 -24.31 -20.76
C PRO B 108 -44.60 -25.02 -20.22
N ALA B 109 -44.52 -26.35 -20.14
CA ALA B 109 -45.60 -27.17 -19.59
C ALA B 109 -45.76 -27.01 -18.08
N SER B 110 -44.70 -26.57 -17.41
CA SER B 110 -44.69 -26.42 -15.95
C SER B 110 -44.04 -25.09 -15.58
N PRO B 111 -44.33 -24.58 -14.36
CA PRO B 111 -43.83 -23.29 -13.94
C PRO B 111 -42.30 -23.17 -14.01
N THR B 112 -41.82 -22.17 -14.73
CA THR B 112 -40.41 -22.04 -15.07
C THR B 112 -39.78 -20.82 -14.41
N PRO B 113 -38.56 -20.98 -13.84
CA PRO B 113 -37.85 -19.86 -13.26
C PRO B 113 -37.72 -18.68 -14.20
N VAL B 114 -37.93 -17.49 -13.65
CA VAL B 114 -37.91 -16.24 -14.41
C VAL B 114 -36.66 -15.44 -14.09
N LEU B 115 -36.02 -14.89 -15.12
CA LEU B 115 -34.94 -13.95 -14.95
C LEU B 115 -35.44 -12.60 -15.44
N ILE B 116 -35.31 -11.56 -14.61
CA ILE B 116 -35.67 -10.20 -15.00
C ILE B 116 -34.41 -9.33 -15.14
N TRP B 117 -34.17 -8.86 -16.36
CA TRP B 117 -33.02 -8.02 -16.67
C TRP B 117 -33.34 -6.53 -16.48
N ILE B 118 -32.46 -5.85 -15.75
CA ILE B 118 -32.49 -4.40 -15.58
C ILE B 118 -31.23 -3.80 -16.22
N TYR B 119 -31.38 -3.08 -17.32
CA TYR B 119 -30.23 -2.53 -18.02
C TYR B 119 -29.54 -1.41 -17.24
N GLY B 120 -28.26 -1.20 -17.56
CA GLY B 120 -27.50 -0.05 -17.10
C GLY B 120 -27.39 1.05 -18.15
N GLY B 121 -26.50 2.01 -17.87
CA GLY B 121 -26.40 3.27 -18.62
C GLY B 121 -26.32 4.54 -17.75
N GLY B 122 -25.80 4.41 -16.53
CA GLY B 122 -25.55 5.55 -15.65
C GLY B 122 -26.80 6.20 -15.08
N PHE B 123 -27.92 5.49 -15.17
CA PHE B 123 -29.24 6.07 -14.87
C PHE B 123 -29.64 7.22 -15.83
N TYR B 124 -28.87 7.41 -16.92
CA TYR B 124 -29.14 8.46 -17.91
C TYR B 124 -29.44 7.89 -19.31
N SER B 125 -29.30 6.58 -19.48
CA SER B 125 -29.40 5.96 -20.79
C SER B 125 -29.75 4.49 -20.67
N GLY B 126 -29.93 3.83 -21.81
CA GLY B 126 -30.22 2.41 -21.87
C GLY B 126 -31.56 2.08 -22.46
N ALA B 127 -31.70 0.82 -22.83
CA ALA B 127 -32.92 0.30 -23.42
C ALA B 127 -32.90 -1.23 -23.38
N ALA B 128 -34.07 -1.84 -23.22
CA ALA B 128 -34.19 -3.28 -23.18
C ALA B 128 -34.15 -3.91 -24.58
N SER B 129 -34.17 -3.07 -25.62
CA SER B 129 -34.14 -3.53 -27.00
C SER B 129 -32.75 -3.68 -27.64
N LEU B 130 -31.68 -3.46 -26.87
CA LEU B 130 -30.32 -3.52 -27.42
C LEU B 130 -30.01 -4.97 -27.76
N ASP B 131 -29.24 -5.19 -28.82
CA ASP B 131 -28.93 -6.55 -29.30
C ASP B 131 -28.31 -7.43 -28.21
N VAL B 132 -27.50 -6.84 -27.34
CA VAL B 132 -26.80 -7.60 -26.29
C VAL B 132 -27.72 -8.09 -25.17
N TYR B 133 -28.95 -7.58 -25.12
CA TYR B 133 -29.94 -7.99 -24.10
C TYR B 133 -30.99 -8.92 -24.68
N ASP B 134 -30.69 -9.48 -25.85
CA ASP B 134 -31.57 -10.38 -26.57
C ASP B 134 -31.78 -11.68 -25.79
N GLY B 135 -32.99 -11.84 -25.25
CA GLY B 135 -33.30 -12.96 -24.36
C GLY B 135 -33.59 -14.31 -24.99
N ARG B 136 -33.46 -14.43 -26.31
CA ARG B 136 -33.88 -15.66 -26.99
C ARG B 136 -32.96 -16.86 -26.80
N PHE B 137 -31.68 -16.61 -26.54
CA PHE B 137 -30.69 -17.70 -26.44
C PHE B 137 -30.91 -18.42 -25.12
N LEU B 138 -31.04 -17.64 -24.06
CA LEU B 138 -31.37 -18.13 -22.73
C LEU B 138 -32.72 -18.85 -22.72
N ALA B 139 -33.71 -18.24 -23.36
CA ALA B 139 -35.02 -18.86 -23.52
C ALA B 139 -34.92 -20.24 -24.19
N GLN B 140 -34.29 -20.28 -25.36
CA GLN B 140 -34.23 -21.50 -26.16
C GLN B 140 -33.34 -22.57 -25.54
N VAL B 141 -32.12 -22.18 -25.15
CA VAL B 141 -31.12 -23.14 -24.72
C VAL B 141 -31.37 -23.61 -23.30
N GLU B 142 -31.66 -22.68 -22.40
CA GLU B 142 -31.83 -23.01 -20.98
C GLU B 142 -33.28 -23.14 -20.52
N GLY B 143 -34.24 -22.91 -21.42
CA GLY B 143 -35.67 -23.03 -21.08
C GLY B 143 -36.16 -21.93 -20.15
N ALA B 144 -35.41 -20.83 -20.08
CA ALA B 144 -35.70 -19.75 -19.16
C ALA B 144 -36.85 -18.89 -19.69
N VAL B 145 -37.64 -18.33 -18.77
CA VAL B 145 -38.54 -17.24 -19.07
C VAL B 145 -37.78 -15.98 -18.72
N LEU B 146 -37.53 -15.14 -19.71
CA LEU B 146 -36.74 -13.94 -19.51
C LEU B 146 -37.58 -12.70 -19.73
N VAL B 147 -37.52 -11.77 -18.78
CA VAL B 147 -38.24 -10.51 -18.86
C VAL B 147 -37.25 -9.34 -18.84
N SER B 148 -37.56 -8.28 -19.59
CA SER B 148 -36.82 -7.01 -19.49
C SER B 148 -37.79 -5.84 -19.65
N MET B 149 -37.54 -4.77 -18.90
CA MET B 149 -38.38 -3.57 -18.94
C MET B 149 -37.59 -2.33 -19.28
N ASN B 150 -38.26 -1.38 -19.92
CA ASN B 150 -37.78 -0.01 -20.03
C ASN B 150 -38.20 0.72 -18.75
N TYR B 151 -37.27 1.49 -18.21
CA TYR B 151 -37.56 2.36 -17.08
C TYR B 151 -37.02 3.74 -17.42
N ARG B 152 -37.63 4.77 -16.83
CA ARG B 152 -37.25 6.16 -17.13
C ARG B 152 -35.86 6.51 -16.59
N VAL B 153 -35.12 7.31 -17.36
CA VAL B 153 -33.75 7.65 -17.06
C VAL B 153 -33.57 9.17 -17.15
N GLY B 154 -32.41 9.66 -16.70
CA GLY B 154 -32.14 11.10 -16.76
C GLY B 154 -33.11 11.87 -15.89
N THR B 155 -33.35 13.13 -16.24
CA THR B 155 -34.33 13.97 -15.52
C THR B 155 -35.70 13.28 -15.44
N PHE B 156 -36.10 12.63 -16.53
CA PHE B 156 -37.45 12.03 -16.60
C PHE B 156 -37.62 10.93 -15.56
N GLY B 157 -36.54 10.25 -15.23
CA GLY B 157 -36.62 9.13 -14.28
C GLY B 157 -36.18 9.49 -12.88
N PHE B 158 -35.32 10.50 -12.74
CA PHE B 158 -34.61 10.73 -11.48
C PHE B 158 -34.45 12.18 -11.01
N LEU B 159 -34.98 13.15 -11.77
CA LEU B 159 -35.01 14.52 -11.26
C LEU B 159 -35.91 14.56 -10.04
N ALA B 160 -35.41 15.15 -8.95
CA ALA B 160 -36.10 15.16 -7.66
C ALA B 160 -36.03 16.54 -7.02
N LEU B 161 -37.16 16.97 -6.48
CA LEU B 161 -37.22 18.04 -5.50
C LEU B 161 -37.73 17.35 -4.25
N PRO B 162 -36.82 16.79 -3.45
CA PRO B 162 -37.22 15.90 -2.36
C PRO B 162 -38.22 16.52 -1.40
N GLY B 163 -39.24 15.75 -1.04
CA GLY B 163 -40.33 16.25 -0.19
C GLY B 163 -41.48 16.85 -0.98
N SER B 164 -41.30 17.01 -2.30
CA SER B 164 -42.36 17.54 -3.16
C SER B 164 -43.34 16.43 -3.55
N ARG B 165 -44.56 16.84 -3.86
CA ARG B 165 -45.59 15.94 -4.35
C ARG B 165 -45.33 15.62 -5.82
N GLU B 166 -44.84 16.62 -6.55
CA GLU B 166 -44.81 16.57 -8.00
C GLU B 166 -43.51 16.01 -8.61
N ALA B 167 -42.45 15.92 -7.81
CA ALA B 167 -41.18 15.34 -8.26
C ALA B 167 -40.45 14.72 -7.08
N PRO B 168 -41.01 13.64 -6.52
CA PRO B 168 -40.52 13.06 -5.25
C PRO B 168 -39.19 12.31 -5.37
N GLY B 169 -38.78 12.01 -6.60
CA GLY B 169 -37.52 11.31 -6.87
C GLY B 169 -37.74 9.82 -7.01
N ASN B 170 -36.72 9.14 -7.53
CA ASN B 170 -36.68 7.68 -7.65
C ASN B 170 -37.76 7.02 -8.53
N VAL B 171 -38.40 7.79 -9.41
CA VAL B 171 -39.53 7.24 -10.16
C VAL B 171 -39.13 6.17 -11.19
N GLY B 172 -37.92 6.26 -11.73
CA GLY B 172 -37.38 5.19 -12.61
C GLY B 172 -37.24 3.86 -11.87
N LEU B 173 -36.95 3.92 -10.58
CA LEU B 173 -36.88 2.72 -9.75
C LEU B 173 -38.29 2.20 -9.50
N LEU B 174 -39.24 3.12 -9.35
CA LEU B 174 -40.63 2.75 -9.19
C LEU B 174 -41.20 2.14 -10.50
N ASP B 175 -40.72 2.62 -11.65
CA ASP B 175 -41.04 1.96 -12.94
C ASP B 175 -40.59 0.50 -12.89
N GLN B 176 -39.34 0.29 -12.50
CA GLN B 176 -38.80 -1.06 -12.40
C GLN B 176 -39.65 -1.93 -11.47
N ARG B 177 -39.98 -1.39 -10.31
CA ARG B 177 -40.79 -2.10 -9.33
C ARG B 177 -42.18 -2.46 -9.88
N LEU B 178 -42.80 -1.54 -10.59
CA LEU B 178 -44.10 -1.81 -11.19
C LEU B 178 -44.01 -2.98 -12.18
N ALA B 179 -42.92 -3.05 -12.94
CA ALA B 179 -42.69 -4.18 -13.86
C ALA B 179 -42.53 -5.50 -13.07
N LEU B 180 -41.88 -5.42 -11.92
CA LEU B 180 -41.74 -6.56 -11.02
C LEU B 180 -43.11 -7.03 -10.51
N GLN B 181 -43.96 -6.06 -10.16
CA GLN B 181 -45.34 -6.36 -9.74
C GLN B 181 -46.11 -6.99 -10.90
N TRP B 182 -45.95 -6.41 -12.10
CA TRP B 182 -46.54 -6.99 -13.32
C TRP B 182 -46.20 -8.47 -13.48
N VAL B 183 -44.93 -8.82 -13.28
CA VAL B 183 -44.47 -10.21 -13.42
C VAL B 183 -45.13 -11.13 -12.38
N GLN B 184 -45.19 -10.69 -11.12
CA GLN B 184 -45.88 -11.48 -10.10
C GLN B 184 -47.32 -11.75 -10.51
N GLU B 185 -48.00 -10.74 -11.04
CA GLU B 185 -49.42 -10.86 -11.41
C GLU B 185 -49.67 -11.65 -12.69
N ASN B 186 -48.74 -11.60 -13.63
CA ASN B 186 -48.99 -12.07 -15.00
C ASN B 186 -48.09 -13.16 -15.55
N ILE B 187 -46.92 -13.38 -14.97
CA ILE B 187 -45.91 -14.22 -15.62
C ILE B 187 -46.36 -15.68 -15.73
N ALA B 188 -47.21 -16.13 -14.80
CA ALA B 188 -47.76 -17.48 -14.86
C ALA B 188 -48.48 -17.77 -16.18
N ALA B 189 -49.03 -16.74 -16.82
CA ALA B 189 -49.72 -16.93 -18.12
C ALA B 189 -48.76 -17.30 -19.25
N PHE B 190 -47.47 -17.03 -19.05
CA PHE B 190 -46.45 -17.36 -20.05
C PHE B 190 -45.71 -18.64 -19.70
N GLY B 191 -46.09 -19.27 -18.57
CA GLY B 191 -45.41 -20.46 -18.06
C GLY B 191 -44.32 -20.15 -17.03
N GLY B 192 -44.14 -18.86 -16.72
CA GLY B 192 -43.17 -18.46 -15.72
C GLY B 192 -43.63 -18.75 -14.31
N ASP B 193 -42.68 -18.91 -13.39
CA ASP B 193 -42.93 -19.20 -11.98
C ASP B 193 -42.76 -17.94 -11.14
N PRO B 194 -43.86 -17.31 -10.69
CA PRO B 194 -43.72 -16.11 -9.86
C PRO B 194 -43.04 -16.33 -8.51
N MET B 195 -42.95 -17.58 -8.06
CA MET B 195 -42.26 -17.91 -6.80
C MET B 195 -40.78 -18.20 -6.99
N SER B 196 -40.27 -17.95 -8.20
CA SER B 196 -38.84 -18.07 -8.49
C SER B 196 -38.44 -17.04 -9.53
N VAL B 197 -38.15 -15.85 -9.03
CA VAL B 197 -37.79 -14.71 -9.84
C VAL B 197 -36.41 -14.24 -9.43
N THR B 198 -35.53 -14.15 -10.41
CA THR B 198 -34.17 -13.71 -10.18
C THR B 198 -33.98 -12.41 -10.92
N LEU B 199 -33.59 -11.37 -10.19
CA LEU B 199 -33.24 -10.10 -10.84
C LEU B 199 -31.78 -10.18 -11.27
N PHE B 200 -31.47 -9.68 -12.44
CA PHE B 200 -30.08 -9.47 -12.81
C PHE B 200 -29.92 -8.19 -13.59
N GLY B 201 -28.79 -7.53 -13.43
CA GLY B 201 -28.49 -6.33 -14.19
C GLY B 201 -27.02 -5.98 -14.16
N GLU B 202 -26.61 -5.05 -15.02
CA GLU B 202 -25.23 -4.62 -15.11
C GLU B 202 -25.10 -3.09 -14.91
N ALA B 203 -24.03 -2.68 -14.24
CA ALA B 203 -23.74 -1.26 -13.96
C ALA B 203 -24.91 -0.58 -13.22
N ALA B 204 -25.48 0.52 -13.73
CA ALA B 204 -26.64 1.15 -13.08
C ALA B 204 -27.78 0.15 -12.88
N GLY B 205 -27.86 -0.87 -13.73
CA GLY B 205 -28.85 -1.91 -13.57
C GLY B 205 -28.57 -2.76 -12.35
N ALA B 206 -27.30 -3.03 -12.10
CA ALA B 206 -26.87 -3.79 -10.93
C ALA B 206 -27.10 -2.94 -9.68
N ALA B 207 -26.79 -1.66 -9.77
CA ALA B 207 -27.10 -0.75 -8.65
C ALA B 207 -28.60 -0.77 -8.33
N SER B 208 -29.42 -0.82 -9.40
CA SER B 208 -30.88 -0.89 -9.29
C SER B 208 -31.34 -2.15 -8.55
N VAL B 209 -30.86 -3.31 -8.98
CA VAL B 209 -31.08 -4.57 -8.26
C VAL B 209 -30.74 -4.43 -6.77
N GLY B 210 -29.58 -3.84 -6.47
CA GLY B 210 -29.20 -3.59 -5.09
C GLY B 210 -30.19 -2.72 -4.34
N MET B 211 -30.71 -1.70 -5.00
CA MET B 211 -31.73 -0.84 -4.39
C MET B 211 -33.04 -1.59 -4.11
N HIS B 212 -33.42 -2.53 -4.97
CA HIS B 212 -34.55 -3.39 -4.67
C HIS B 212 -34.28 -4.32 -3.48
N ILE B 213 -33.06 -4.84 -3.36
CA ILE B 213 -32.66 -5.61 -2.17
C ILE B 213 -32.82 -4.76 -0.88
N LEU B 214 -32.52 -3.47 -0.99
CA LEU B 214 -32.52 -2.55 0.15
C LEU B 214 -33.83 -1.80 0.42
N SER B 215 -34.87 -2.07 -0.38
CA SER B 215 -36.15 -1.38 -0.22
C SER B 215 -37.23 -2.43 0.00
N LEU B 216 -37.86 -2.39 1.18
CA LEU B 216 -38.75 -3.50 1.63
C LEU B 216 -39.89 -3.82 0.65
N PRO B 217 -40.59 -2.82 0.11
CA PRO B 217 -41.68 -3.16 -0.81
C PRO B 217 -41.29 -4.03 -2.02
N SER B 218 -40.03 -3.92 -2.47
CA SER B 218 -39.53 -4.71 -3.58
C SER B 218 -39.23 -6.15 -3.19
N ARG B 219 -38.93 -6.38 -1.91
CA ARG B 219 -38.42 -7.67 -1.47
C ARG B 219 -39.43 -8.81 -1.61
N SER B 220 -40.72 -8.49 -1.63
CA SER B 220 -41.73 -9.52 -1.85
C SER B 220 -41.91 -9.86 -3.34
N LEU B 221 -41.14 -9.20 -4.21
CA LEU B 221 -41.30 -9.33 -5.65
C LEU B 221 -40.19 -10.16 -6.31
N PHE B 222 -39.20 -10.59 -5.54
CA PHE B 222 -38.15 -11.46 -6.10
C PHE B 222 -37.46 -12.27 -5.00
N HIS B 223 -36.64 -13.23 -5.43
CA HIS B 223 -36.05 -14.20 -4.53
C HIS B 223 -34.52 -14.24 -4.53
N ARG B 224 -33.91 -13.86 -5.64
CA ARG B 224 -32.44 -13.85 -5.78
C ARG B 224 -32.02 -12.67 -6.65
N ALA B 225 -30.74 -12.30 -6.57
CA ALA B 225 -30.22 -11.14 -7.32
C ALA B 225 -28.83 -11.41 -7.88
N VAL B 226 -28.57 -10.82 -9.04
CA VAL B 226 -27.27 -10.80 -9.67
C VAL B 226 -26.88 -9.35 -9.94
N LEU B 227 -25.71 -8.95 -9.42
CA LEU B 227 -25.20 -7.59 -9.60
C LEU B 227 -23.90 -7.68 -10.36
N GLN B 228 -23.97 -7.35 -11.65
CA GLN B 228 -22.79 -7.36 -12.52
C GLN B 228 -22.23 -5.93 -12.61
N SER B 229 -21.04 -5.71 -12.07
CA SER B 229 -20.32 -4.43 -12.28
C SER B 229 -21.06 -3.18 -11.78
N GLY B 230 -21.69 -3.29 -10.62
CA GLY B 230 -22.43 -2.17 -10.06
C GLY B 230 -23.01 -2.52 -8.72
N THR B 231 -23.29 -1.50 -7.91
CA THR B 231 -23.71 -1.64 -6.55
C THR B 231 -24.52 -0.42 -6.12
N PRO B 232 -25.42 -0.60 -5.14
CA PRO B 232 -26.17 0.55 -4.65
C PRO B 232 -25.29 1.50 -3.82
N ASN B 233 -24.40 0.93 -3.01
CA ASN B 233 -23.34 1.70 -2.35
C ASN B 233 -22.34 2.22 -3.39
N GLY B 234 -21.44 3.08 -2.94
CA GLY B 234 -20.40 3.62 -3.82
C GLY B 234 -20.65 5.07 -4.20
N PRO B 235 -19.70 5.67 -4.92
CA PRO B 235 -19.70 7.13 -5.11
C PRO B 235 -20.64 7.75 -6.18
N TRP B 236 -21.23 6.94 -7.04
CA TRP B 236 -21.98 7.44 -8.19
C TRP B 236 -23.47 7.04 -8.23
N ALA B 237 -23.84 5.96 -7.52
CA ALA B 237 -25.18 5.36 -7.64
C ALA B 237 -26.28 6.15 -6.96
N THR B 238 -25.92 6.95 -5.94
CA THR B 238 -26.91 7.76 -5.24
C THR B 238 -26.40 9.17 -4.95
N VAL B 239 -27.35 10.08 -4.68
CA VAL B 239 -27.06 11.42 -4.16
C VAL B 239 -27.91 11.67 -2.93
N SER B 240 -27.48 12.61 -2.11
CA SER B 240 -28.27 13.10 -0.99
C SER B 240 -29.45 13.92 -1.50
N ALA B 241 -30.45 14.10 -0.63
CA ALA B 241 -31.60 14.95 -0.91
C ALA B 241 -31.20 16.39 -1.22
N GLY B 242 -30.24 16.92 -0.48
CA GLY B 242 -29.72 18.26 -0.72
C GLY B 242 -29.06 18.41 -2.08
N GLU B 243 -28.27 17.42 -2.49
CA GLU B 243 -27.57 17.49 -3.78
C GLU B 243 -28.54 17.29 -4.95
N ALA B 244 -29.54 16.43 -4.79
CA ALA B 244 -30.58 16.26 -5.84
C ALA B 244 -31.36 17.56 -6.07
N ARG B 245 -31.68 18.25 -4.98
CA ARG B 245 -32.40 19.50 -5.02
C ARG B 245 -31.59 20.60 -5.71
N ARG B 246 -30.31 20.69 -5.36
CA ARG B 246 -29.39 21.60 -6.02
C ARG B 246 -29.39 21.37 -7.53
N ARG B 247 -29.25 20.11 -7.93
CA ARG B 247 -29.14 19.79 -9.34
C ARG B 247 -30.43 20.11 -10.10
N ALA B 248 -31.56 19.76 -9.51
CA ALA B 248 -32.86 20.00 -10.15
C ALA B 248 -33.09 21.49 -10.28
N THR B 249 -32.73 22.22 -9.22
CA THR B 249 -32.88 23.67 -9.18
C THR B 249 -31.98 24.39 -10.19
N LEU B 250 -30.74 23.93 -10.32
CA LEU B 250 -29.83 24.48 -11.34
C LEU B 250 -30.35 24.19 -12.75
N LEU B 251 -30.76 22.95 -13.01
CA LEU B 251 -31.32 22.59 -14.32
C LEU B 251 -32.48 23.50 -14.71
N ALA B 252 -33.44 23.64 -13.78
CA ALA B 252 -34.56 24.55 -13.95
C ALA B 252 -34.05 25.92 -14.35
N ARG B 253 -33.08 26.44 -13.62
CA ARG B 253 -32.50 27.74 -13.92
C ARG B 253 -31.99 27.80 -15.36
N LEU B 254 -31.30 26.75 -15.78
CA LEU B 254 -30.67 26.71 -17.09
C LEU B 254 -31.69 26.67 -18.24
N VAL B 255 -32.88 26.15 -17.96
CA VAL B 255 -33.95 26.07 -18.96
C VAL B 255 -35.00 27.17 -18.76
N GLY B 256 -34.71 28.18 -17.92
CA GLY B 256 -35.59 29.33 -17.75
C GLY B 256 -36.73 29.19 -16.74
N CYS B 257 -36.65 28.19 -15.86
CA CYS B 257 -37.64 27.98 -14.80
C CYS B 257 -37.04 28.32 -13.45
N ASN B 265 -40.87 27.96 -4.62
CA ASN B 265 -42.01 27.05 -4.67
C ASN B 265 -41.78 25.89 -5.65
N ASP B 266 -41.73 24.66 -5.11
CA ASP B 266 -41.53 23.46 -5.92
C ASP B 266 -42.60 23.29 -7.00
N THR B 267 -43.86 23.46 -6.61
CA THR B 267 -44.99 23.24 -7.51
C THR B 267 -44.84 24.05 -8.79
N GLU B 268 -44.50 25.32 -8.63
CA GLU B 268 -44.30 26.21 -9.78
C GLU B 268 -43.07 25.82 -10.59
N LEU B 269 -42.01 25.41 -9.90
CA LEU B 269 -40.77 25.05 -10.56
C LEU B 269 -41.00 23.78 -11.40
N ILE B 270 -41.64 22.79 -10.80
CA ILE B 270 -41.90 21.52 -11.49
C ILE B 270 -42.90 21.72 -12.62
N ALA B 271 -43.93 22.56 -12.39
CA ALA B 271 -44.91 22.85 -13.43
C ALA B 271 -44.26 23.44 -14.69
N CYS B 272 -43.31 24.35 -14.51
CA CYS B 272 -42.60 24.97 -15.64
C CYS B 272 -41.70 23.97 -16.35
N LEU B 273 -41.02 23.11 -15.59
CA LEU B 273 -40.21 22.05 -16.18
C LEU B 273 -41.06 21.09 -17.04
N ARG B 274 -42.30 20.86 -16.62
CA ARG B 274 -43.21 19.97 -17.37
C ARG B 274 -43.62 20.57 -18.72
N THR B 275 -43.48 21.87 -18.90
CA THR B 275 -43.79 22.48 -20.19
C THR B 275 -42.67 22.32 -21.20
N ARG B 276 -41.48 21.98 -20.73
CA ARG B 276 -40.31 22.05 -21.59
C ARG B 276 -40.21 20.82 -22.49
N PRO B 277 -39.97 21.03 -23.79
CA PRO B 277 -39.62 19.91 -24.65
C PRO B 277 -38.55 19.01 -24.04
N ALA B 278 -38.66 17.71 -24.29
CA ALA B 278 -37.78 16.72 -23.68
C ALA B 278 -36.30 17.02 -23.94
N GLN B 279 -35.98 17.41 -25.18
CA GLN B 279 -34.60 17.64 -25.56
C GLN B 279 -34.01 18.87 -24.88
N ASP B 280 -34.87 19.81 -24.51
CA ASP B 280 -34.44 21.01 -23.76
C ASP B 280 -33.84 20.61 -22.41
N LEU B 281 -34.40 19.57 -21.80
CA LEU B 281 -33.93 19.06 -20.50
C LEU B 281 -32.64 18.30 -20.68
N VAL B 282 -32.62 17.40 -21.66
CA VAL B 282 -31.42 16.64 -22.00
C VAL B 282 -30.26 17.56 -22.40
N ASP B 283 -30.53 18.62 -23.17
CA ASP B 283 -29.48 19.56 -23.58
C ASP B 283 -28.63 20.08 -22.40
N HIS B 284 -29.24 20.20 -21.21
CA HIS B 284 -28.55 20.73 -20.03
C HIS B 284 -28.26 19.69 -18.95
N GLU B 285 -28.45 18.42 -19.26
CA GLU B 285 -28.33 17.36 -18.28
C GLU B 285 -26.93 17.29 -17.64
N TRP B 286 -25.90 17.47 -18.47
CA TRP B 286 -24.53 17.32 -18.04
C TRP B 286 -23.96 18.59 -17.42
N HIS B 287 -24.74 19.66 -17.35
CA HIS B 287 -24.24 20.94 -16.87
C HIS B 287 -24.43 21.18 -15.37
N VAL B 288 -25.00 20.22 -14.65
CA VAL B 288 -25.34 20.41 -13.24
C VAL B 288 -24.41 19.64 -12.29
N LEU B 289 -23.53 18.80 -12.84
CA LEU B 289 -22.53 18.11 -12.02
C LEU B 289 -21.58 19.13 -11.34
N PRO B 290 -21.25 18.89 -10.06
CA PRO B 290 -20.45 19.84 -9.25
C PRO B 290 -18.97 20.02 -9.67
N GLN B 291 -18.34 18.97 -10.21
CA GLN B 291 -16.97 19.06 -10.70
C GLN B 291 -16.82 18.42 -12.08
N GLU B 292 -15.68 18.65 -12.73
CA GLU B 292 -15.35 17.94 -13.96
C GLU B 292 -15.01 16.51 -13.56
N SER B 293 -15.69 15.54 -14.16
CA SER B 293 -15.57 14.19 -13.68
C SER B 293 -15.89 13.17 -14.74
N ILE B 294 -15.52 11.93 -14.45
CA ILE B 294 -15.97 10.77 -15.21
C ILE B 294 -16.58 9.78 -14.23
N PHE B 295 -17.44 8.89 -14.74
CA PHE B 295 -18.19 7.94 -13.93
C PHE B 295 -19.04 8.69 -12.93
N ARG B 296 -19.58 9.84 -13.35
CA ARG B 296 -20.53 10.61 -12.56
C ARG B 296 -21.71 11.01 -13.42
N PHE B 297 -22.91 10.89 -12.86
CA PHE B 297 -24.17 11.02 -13.60
C PHE B 297 -25.10 11.97 -12.82
N SER B 298 -25.69 12.91 -13.56
CA SER B 298 -26.41 14.03 -12.96
C SER B 298 -27.68 13.64 -12.20
N PHE B 299 -28.46 12.74 -12.78
CA PHE B 299 -29.76 12.39 -12.21
C PHE B 299 -29.85 10.90 -11.93
N VAL B 300 -29.69 10.58 -10.64
CA VAL B 300 -29.58 9.21 -10.14
C VAL B 300 -30.49 9.03 -8.93
N PRO B 301 -30.68 7.78 -8.46
CA PRO B 301 -31.48 7.56 -7.26
C PRO B 301 -31.08 8.45 -6.09
N VAL B 302 -32.05 8.88 -5.30
CA VAL B 302 -31.81 9.85 -4.23
C VAL B 302 -32.15 9.25 -2.87
N VAL B 303 -31.37 9.59 -1.85
CA VAL B 303 -31.67 9.10 -0.50
C VAL B 303 -32.82 9.95 0.04
N ASP B 304 -34.03 9.45 -0.19
CA ASP B 304 -35.26 10.19 0.09
C ASP B 304 -35.87 9.89 1.46
N GLY B 305 -35.41 8.83 2.11
CA GLY B 305 -36.03 8.36 3.35
C GLY B 305 -37.32 7.62 3.08
N ASP B 306 -37.54 7.19 1.84
CA ASP B 306 -38.76 6.48 1.45
C ASP B 306 -38.39 5.21 0.66
N PHE B 307 -38.13 5.31 -0.64
CA PHE B 307 -37.64 4.13 -1.38
C PHE B 307 -36.37 3.62 -0.68
N LEU B 308 -35.48 4.56 -0.40
CA LEU B 308 -34.28 4.31 0.37
C LEU B 308 -34.44 5.00 1.73
N SER B 309 -34.68 4.21 2.77
CA SER B 309 -34.92 4.73 4.13
C SER B 309 -33.70 5.37 4.77
N ASP B 310 -32.51 4.98 4.32
CA ASP B 310 -31.24 5.57 4.73
C ASP B 310 -30.28 5.38 3.57
N THR B 311 -29.02 5.79 3.72
CA THR B 311 -28.02 5.59 2.68
C THR B 311 -27.80 4.08 2.45
N PRO B 312 -27.47 3.67 1.22
CA PRO B 312 -27.15 2.26 0.99
C PRO B 312 -26.02 1.73 1.88
N GLU B 313 -25.03 2.57 2.18
CA GLU B 313 -23.97 2.24 3.14
C GLU B 313 -24.56 1.82 4.48
N ALA B 314 -25.41 2.67 5.04
CA ALA B 314 -26.09 2.38 6.30
C ALA B 314 -26.94 1.13 6.20
N LEU B 315 -27.72 1.04 5.14
CA LEU B 315 -28.63 -0.09 4.94
C LEU B 315 -27.91 -1.44 4.75
N ILE B 316 -26.77 -1.44 4.06
CA ILE B 316 -26.03 -2.70 3.89
C ILE B 316 -25.33 -3.11 5.19
N ASN B 317 -24.90 -2.13 5.99
CA ASN B 317 -24.23 -2.43 7.26
C ASN B 317 -25.17 -3.03 8.30
N THR B 318 -26.44 -2.60 8.32
CA THR B 318 -27.37 -2.98 9.37
C THR B 318 -28.46 -3.96 8.92
N GLY B 319 -28.47 -4.34 7.65
CA GLY B 319 -29.53 -5.21 7.12
C GLY B 319 -29.42 -6.68 7.54
N ASP B 320 -30.55 -7.37 7.57
CA ASP B 320 -30.59 -8.82 7.75
C ASP B 320 -30.86 -9.43 6.38
N PHE B 321 -29.90 -10.20 5.88
CA PHE B 321 -29.96 -10.74 4.51
C PHE B 321 -29.98 -12.28 4.50
N GLN B 322 -30.48 -12.87 5.58
CA GLN B 322 -30.43 -14.32 5.77
C GLN B 322 -31.12 -15.15 4.68
N ASP B 323 -32.23 -14.66 4.15
CA ASP B 323 -32.98 -15.44 3.14
C ASP B 323 -32.63 -15.04 1.71
N LEU B 324 -31.44 -14.47 1.51
CA LEU B 324 -31.03 -13.93 0.22
C LEU B 324 -29.85 -14.68 -0.37
N GLN B 325 -29.93 -14.95 -1.68
CA GLN B 325 -28.78 -15.44 -2.44
C GLN B 325 -28.44 -14.42 -3.50
N VAL B 326 -27.15 -14.08 -3.59
CA VAL B 326 -26.65 -13.05 -4.50
C VAL B 326 -25.40 -13.52 -5.26
N LEU B 327 -25.40 -13.25 -6.57
CA LEU B 327 -24.23 -13.42 -7.42
C LEU B 327 -23.70 -12.03 -7.83
N VAL B 328 -22.44 -11.75 -7.51
CA VAL B 328 -21.85 -10.44 -7.77
C VAL B 328 -20.50 -10.60 -8.48
N GLY B 329 -20.14 -9.63 -9.30
CA GLY B 329 -18.81 -9.62 -9.86
C GLY B 329 -18.46 -8.42 -10.68
N VAL B 330 -17.28 -8.49 -11.30
CA VAL B 330 -16.71 -7.39 -12.05
C VAL B 330 -15.98 -7.93 -13.26
N VAL B 331 -15.74 -7.07 -14.23
CA VAL B 331 -14.85 -7.39 -15.35
C VAL B 331 -13.43 -6.95 -15.02
N LYS B 332 -12.50 -7.40 -15.85
CA LYS B 332 -11.08 -7.21 -15.58
C LYS B 332 -10.66 -5.75 -15.64
N ASP B 333 -11.26 -4.98 -16.55
CA ASP B 333 -10.85 -3.59 -16.75
C ASP B 333 -12.01 -2.60 -16.68
N GLU B 334 -12.65 -2.53 -15.52
CA GLU B 334 -13.82 -1.70 -15.29
C GLU B 334 -13.63 -0.22 -15.65
N GLY B 335 -12.44 0.33 -15.43
CA GLY B 335 -12.26 1.79 -15.56
C GLY B 335 -11.92 2.34 -16.94
N SER B 336 -11.43 1.49 -17.83
CA SER B 336 -10.79 1.92 -19.09
C SER B 336 -11.72 2.69 -20.03
N TYR B 337 -12.95 2.20 -20.16
CA TYR B 337 -13.99 2.81 -20.99
C TYR B 337 -14.14 4.30 -20.73
N PHE B 338 -14.15 4.67 -19.46
CA PHE B 338 -14.54 6.02 -19.03
C PHE B 338 -13.47 7.06 -19.22
N LEU B 339 -12.23 6.62 -19.43
CA LEU B 339 -11.09 7.51 -19.49
C LEU B 339 -11.10 8.37 -20.75
N VAL B 340 -11.62 7.82 -21.84
CA VAL B 340 -11.73 8.54 -23.11
C VAL B 340 -12.83 9.63 -23.13
N TYR B 341 -13.63 9.70 -22.07
CA TYR B 341 -14.71 10.67 -21.94
C TYR B 341 -14.37 11.85 -21.02
N GLY B 342 -13.10 12.12 -20.77
CA GLY B 342 -12.79 13.22 -19.85
C GLY B 342 -11.35 13.44 -19.43
N VAL B 343 -10.52 12.39 -19.47
CA VAL B 343 -9.13 12.49 -19.03
C VAL B 343 -8.21 12.79 -20.21
N PRO B 344 -7.56 13.97 -20.21
CA PRO B 344 -6.65 14.27 -21.31
C PRO B 344 -5.54 13.22 -21.45
N GLY B 345 -5.24 12.86 -22.69
CA GLY B 345 -4.23 11.85 -23.01
C GLY B 345 -4.81 10.52 -23.47
N PHE B 346 -6.11 10.33 -23.25
CA PHE B 346 -6.76 9.04 -23.54
C PHE B 346 -7.64 9.11 -24.76
N SER B 347 -7.58 8.05 -25.58
CA SER B 347 -8.33 7.94 -26.82
C SER B 347 -8.37 6.50 -27.27
N LYS B 348 -9.45 6.11 -27.95
CA LYS B 348 -9.55 4.76 -28.51
C LYS B 348 -8.61 4.58 -29.70
N ASP B 349 -8.20 5.69 -30.32
CA ASP B 349 -7.48 5.67 -31.59
C ASP B 349 -5.96 5.67 -31.46
N ASN B 350 -5.45 5.63 -30.23
CA ASN B 350 -4.01 5.42 -29.99
C ASN B 350 -3.78 4.63 -28.69
N GLU B 351 -2.53 4.46 -28.31
CA GLU B 351 -2.16 3.63 -27.15
C GLU B 351 -2.36 4.32 -25.81
N SER B 352 -2.64 5.62 -25.82
CA SER B 352 -2.91 6.39 -24.61
C SER B 352 -1.81 6.26 -23.54
N LEU B 353 -0.55 6.27 -23.99
CA LEU B 353 0.59 6.28 -23.09
C LEU B 353 0.72 7.68 -22.52
N ILE B 354 0.57 7.82 -21.20
CA ILE B 354 0.45 9.14 -20.59
C ILE B 354 1.65 9.50 -19.72
N SER B 355 1.81 10.81 -19.48
CA SER B 355 2.84 11.30 -18.59
C SER B 355 2.38 11.19 -17.14
N ARG B 356 3.34 11.35 -16.24
CA ARG B 356 3.02 11.41 -14.82
C ARG B 356 2.10 12.60 -14.53
N ALA B 357 2.40 13.76 -15.12
CA ALA B 357 1.56 14.94 -14.97
C ALA B 357 0.11 14.64 -15.37
N GLN B 358 -0.06 13.96 -16.50
CA GLN B 358 -1.38 13.54 -16.98
C GLN B 358 -2.05 12.54 -16.05
N PHE B 359 -1.25 11.72 -15.35
CA PHE B 359 -1.80 10.80 -14.35
C PHE B 359 -2.38 11.58 -13.18
N LEU B 360 -1.64 12.58 -12.68
CA LEU B 360 -2.09 13.35 -11.52
C LEU B 360 -3.34 14.18 -11.87
N ALA B 361 -3.38 14.70 -13.09
CA ALA B 361 -4.53 15.44 -13.58
C ALA B 361 -5.75 14.54 -13.66
N GLY B 362 -5.56 13.37 -14.24
CA GLY B 362 -6.63 12.38 -14.37
C GLY B 362 -7.23 11.91 -13.05
N VAL B 363 -6.41 11.75 -12.02
CA VAL B 363 -6.91 11.33 -10.71
C VAL B 363 -7.94 12.33 -10.14
N ARG B 364 -7.72 13.63 -10.36
CA ARG B 364 -8.67 14.64 -9.92
C ARG B 364 -10.02 14.53 -10.65
N ILE B 365 -9.98 14.05 -11.89
CA ILE B 365 -11.17 13.90 -12.70
C ILE B 365 -11.84 12.56 -12.39
N GLY B 366 -11.02 11.54 -12.12
CA GLY B 366 -11.49 10.19 -11.81
C GLY B 366 -11.92 9.99 -10.36
N VAL B 367 -11.43 10.87 -9.48
CA VAL B 367 -11.83 10.87 -8.08
C VAL B 367 -12.19 12.31 -7.71
N PRO B 368 -13.28 12.82 -8.31
CA PRO B 368 -13.59 14.26 -8.33
C PRO B 368 -13.97 14.83 -6.97
N GLN B 369 -14.37 13.97 -6.04
CA GLN B 369 -14.72 14.39 -4.69
C GLN B 369 -13.50 14.41 -3.76
N ALA B 370 -12.36 13.90 -4.23
CA ALA B 370 -11.15 13.80 -3.41
C ALA B 370 -10.51 15.14 -3.13
N SER B 371 -10.10 15.36 -1.88
CA SER B 371 -9.31 16.52 -1.53
C SER B 371 -7.90 16.42 -2.10
N ASP B 372 -7.12 17.49 -2.01
CA ASP B 372 -5.73 17.47 -2.47
C ASP B 372 -4.97 16.31 -1.83
N LEU B 373 -5.12 16.14 -0.52
CA LEU B 373 -4.40 15.12 0.23
C LEU B 373 -4.85 13.72 -0.14
N ALA B 374 -6.17 13.54 -0.26
CA ALA B 374 -6.74 12.24 -0.62
C ALA B 374 -6.26 11.84 -2.02
N ALA B 375 -6.24 12.81 -2.94
CA ALA B 375 -5.77 12.57 -4.30
C ALA B 375 -4.31 12.22 -4.29
N GLU B 376 -3.56 12.87 -3.40
CA GLU B 376 -2.14 12.58 -3.23
C GLU B 376 -1.93 11.13 -2.77
N ALA B 377 -2.74 10.67 -1.82
CA ALA B 377 -2.70 9.27 -1.37
C ALA B 377 -3.03 8.30 -2.50
N VAL B 378 -3.99 8.65 -3.36
CA VAL B 378 -4.34 7.78 -4.51
C VAL B 378 -3.13 7.67 -5.44
N VAL B 379 -2.53 8.80 -5.78
CA VAL B 379 -1.34 8.78 -6.65
C VAL B 379 -0.19 7.99 -6.02
N LEU B 380 0.04 8.14 -4.72
CA LEU B 380 1.15 7.44 -4.09
C LEU B 380 0.90 5.94 -4.03
N HIS B 381 -0.35 5.54 -3.81
CA HIS B 381 -0.72 4.12 -3.73
C HIS B 381 -0.65 3.42 -5.11
N TYR B 382 -1.03 4.12 -6.17
CA TYR B 382 -1.13 3.53 -7.50
C TYR B 382 0.14 3.67 -8.34
N THR B 383 1.04 4.58 -7.95
CA THR B 383 2.34 4.65 -8.59
C THR B 383 3.13 3.37 -8.32
N ASP B 384 3.73 2.82 -9.37
CA ASP B 384 4.74 1.78 -9.25
C ASP B 384 6.07 2.49 -9.04
N TRP B 385 6.59 2.44 -7.82
CA TRP B 385 7.77 3.21 -7.47
C TRP B 385 9.08 2.67 -8.07
N LEU B 386 9.04 1.46 -8.62
CA LEU B 386 10.11 0.98 -9.51
C LEU B 386 10.08 1.63 -10.89
N HIS B 387 8.88 1.97 -11.37
CA HIS B 387 8.67 2.53 -12.72
C HIS B 387 7.71 3.71 -12.65
N PRO B 388 8.04 4.73 -11.83
CA PRO B 388 7.10 5.82 -11.52
C PRO B 388 6.76 6.76 -12.68
N GLU B 389 7.54 6.75 -13.74
CA GLU B 389 7.25 7.60 -14.90
C GLU B 389 6.97 6.82 -16.17
N ASP B 390 6.82 5.50 -16.06
CA ASP B 390 6.54 4.66 -17.23
C ASP B 390 5.11 4.86 -17.73
N PRO B 391 4.95 5.37 -18.96
CA PRO B 391 3.61 5.67 -19.51
C PRO B 391 2.61 4.50 -19.56
N THR B 392 3.11 3.28 -19.80
CA THR B 392 2.25 2.09 -19.83
C THR B 392 1.67 1.81 -18.45
N HIS B 393 2.54 1.83 -17.43
CA HIS B 393 2.10 1.66 -16.04
C HIS B 393 1.11 2.76 -15.65
N LEU B 394 1.44 4.02 -15.97
CA LEU B 394 0.60 5.15 -15.56
C LEU B 394 -0.78 5.15 -16.22
N ARG B 395 -0.84 4.75 -17.49
CA ARG B 395 -2.10 4.59 -18.20
C ARG B 395 -2.94 3.48 -17.54
N ASP B 396 -2.33 2.33 -17.29
CA ASP B 396 -3.03 1.20 -16.68
C ASP B 396 -3.44 1.51 -15.23
N ALA B 397 -2.62 2.26 -14.52
CA ALA B 397 -2.94 2.71 -13.15
C ALA B 397 -4.16 3.64 -13.13
N MET B 398 -4.26 4.52 -14.13
CA MET B 398 -5.40 5.44 -14.27
C MET B 398 -6.71 4.64 -14.42
N SER B 399 -6.69 3.63 -15.30
CA SER B 399 -7.82 2.75 -15.46
C SER B 399 -8.18 2.06 -14.13
N ALA B 400 -7.16 1.54 -13.44
CA ALA B 400 -7.36 0.87 -12.17
C ALA B 400 -7.99 1.78 -11.12
N VAL B 401 -7.53 3.03 -11.03
CA VAL B 401 -8.07 3.97 -10.05
C VAL B 401 -9.59 4.13 -10.25
N VAL B 402 -9.97 4.34 -11.50
CA VAL B 402 -11.37 4.59 -11.85
C VAL B 402 -12.20 3.32 -11.66
N GLY B 403 -11.68 2.19 -12.11
CA GLY B 403 -12.38 0.91 -11.93
C GLY B 403 -12.56 0.53 -10.47
N ASP B 404 -11.52 0.76 -9.64
CA ASP B 404 -11.53 0.32 -8.25
C ASP B 404 -12.42 1.22 -7.39
N HIS B 405 -12.28 2.52 -7.57
CA HIS B 405 -13.07 3.52 -6.85
C HIS B 405 -14.57 3.33 -7.11
N ASN B 406 -14.92 3.11 -8.37
CA ASN B 406 -16.33 3.10 -8.79
C ASN B 406 -17.01 1.73 -8.77
N VAL B 407 -16.27 0.65 -9.04
CA VAL B 407 -16.88 -0.69 -9.12
C VAL B 407 -16.25 -1.77 -8.24
N VAL B 408 -14.96 -2.03 -8.39
CA VAL B 408 -14.38 -3.20 -7.73
C VAL B 408 -14.48 -3.10 -6.20
N CYS B 409 -14.12 -1.97 -5.63
CA CYS B 409 -14.09 -1.85 -4.18
C CYS B 409 -15.49 -1.69 -3.55
N PRO B 410 -16.37 -0.92 -4.19
CA PRO B 410 -17.80 -1.06 -3.87
C PRO B 410 -18.35 -2.51 -3.93
N VAL B 411 -17.99 -3.29 -4.94
CA VAL B 411 -18.45 -4.69 -5.02
C VAL B 411 -17.91 -5.51 -3.83
N ALA B 412 -16.61 -5.39 -3.57
CA ALA B 412 -15.96 -6.07 -2.43
C ALA B 412 -16.63 -5.73 -1.11
N GLN B 413 -16.93 -4.44 -0.93
CA GLN B 413 -17.61 -3.97 0.28
C GLN B 413 -18.99 -4.61 0.42
N LEU B 414 -19.78 -4.59 -0.65
CA LEU B 414 -21.10 -5.17 -0.63
C LEU B 414 -21.04 -6.67 -0.38
N ALA B 415 -20.13 -7.35 -1.08
CA ALA B 415 -20.02 -8.80 -0.97
C ALA B 415 -19.74 -9.15 0.48
N GLY B 416 -18.83 -8.41 1.11
CA GLY B 416 -18.45 -8.64 2.49
C GLY B 416 -19.56 -8.42 3.49
N ARG B 417 -20.31 -7.34 3.33
CA ARG B 417 -21.40 -7.02 4.25
C ARG B 417 -22.53 -8.02 4.11
N LEU B 418 -22.90 -8.35 2.88
CA LEU B 418 -24.00 -9.30 2.65
C LEU B 418 -23.65 -10.67 3.24
N ALA B 419 -22.41 -11.10 3.06
CA ALA B 419 -21.94 -12.37 3.63
C ALA B 419 -21.97 -12.33 5.15
N ALA B 420 -21.41 -11.27 5.73
CA ALA B 420 -21.36 -11.09 7.18
C ALA B 420 -22.75 -11.09 7.80
N GLN B 421 -23.75 -10.64 7.04
CA GLN B 421 -25.10 -10.52 7.55
C GLN B 421 -26.09 -11.58 7.04
N GLY B 422 -25.54 -12.74 6.65
CA GLY B 422 -26.33 -13.95 6.50
C GLY B 422 -26.66 -14.36 5.08
N ALA B 423 -26.28 -13.55 4.10
CA ALA B 423 -26.59 -13.85 2.71
C ALA B 423 -25.70 -14.95 2.16
N ARG B 424 -26.20 -15.70 1.20
CA ARG B 424 -25.37 -16.61 0.42
C ARG B 424 -24.83 -15.81 -0.77
N VAL B 425 -23.51 -15.65 -0.83
CA VAL B 425 -22.88 -14.82 -1.85
C VAL B 425 -21.91 -15.63 -2.74
N TYR B 426 -21.97 -15.42 -4.04
CA TYR B 426 -20.98 -15.94 -5.00
C TYR B 426 -20.38 -14.79 -5.78
N ALA B 427 -19.06 -14.79 -5.95
CA ALA B 427 -18.36 -13.69 -6.62
C ALA B 427 -17.48 -14.16 -7.77
N TYR B 428 -17.34 -13.30 -8.79
CA TYR B 428 -16.52 -13.62 -9.96
C TYR B 428 -15.74 -12.40 -10.44
N ILE B 429 -14.67 -12.67 -11.19
CA ILE B 429 -14.04 -11.68 -12.05
C ILE B 429 -14.09 -12.23 -13.48
N PHE B 430 -14.55 -11.42 -14.41
CA PHE B 430 -14.73 -11.85 -15.79
C PHE B 430 -13.52 -11.36 -16.59
N GLU B 431 -12.76 -12.28 -17.18
CA GLU B 431 -11.44 -11.94 -17.71
C GLU B 431 -11.25 -12.20 -19.19
N HIS B 432 -12.30 -12.59 -19.89
CA HIS B 432 -12.21 -12.86 -21.32
C HIS B 432 -12.60 -11.64 -22.15
N ARG B 433 -11.70 -11.23 -23.04
CA ARG B 433 -11.94 -10.16 -23.99
C ARG B 433 -12.55 -10.76 -25.26
N ALA B 434 -13.71 -10.28 -25.66
CA ALA B 434 -14.37 -10.76 -26.85
C ALA B 434 -13.46 -10.59 -28.08
N SER B 435 -13.37 -11.63 -28.90
CA SER B 435 -12.53 -11.62 -30.09
C SER B 435 -12.98 -10.59 -31.13
N THR B 436 -14.26 -10.24 -31.10
CA THR B 436 -14.84 -9.28 -32.03
C THR B 436 -14.94 -7.84 -31.46
N LEU B 437 -14.32 -7.59 -30.30
CA LEU B 437 -14.35 -6.27 -29.65
C LEU B 437 -13.69 -5.19 -30.51
N THR B 438 -14.35 -4.03 -30.62
CA THR B 438 -13.89 -2.93 -31.48
C THR B 438 -13.11 -1.83 -30.74
N TRP B 439 -13.18 -1.83 -29.40
CA TRP B 439 -12.31 -0.96 -28.61
C TRP B 439 -10.87 -1.48 -28.68
N PRO B 440 -9.88 -0.61 -28.46
CA PRO B 440 -8.48 -1.03 -28.55
C PRO B 440 -8.02 -2.01 -27.47
N LEU B 441 -6.93 -2.70 -27.76
CA LEU B 441 -6.36 -3.69 -26.85
C LEU B 441 -6.05 -3.12 -25.47
N TRP B 442 -5.60 -1.88 -25.41
CA TRP B 442 -5.18 -1.29 -24.13
C TRP B 442 -6.31 -1.21 -23.11
N MET B 443 -7.55 -1.11 -23.59
CA MET B 443 -8.72 -1.06 -22.70
C MET B 443 -9.05 -2.42 -22.07
N GLY B 444 -8.48 -3.49 -22.63
CA GLY B 444 -8.63 -4.82 -22.05
C GLY B 444 -10.04 -5.40 -22.17
N VAL B 445 -10.58 -5.88 -21.03
CA VAL B 445 -11.97 -6.33 -20.94
C VAL B 445 -12.79 -5.21 -20.29
N PRO B 446 -13.41 -4.33 -21.11
CA PRO B 446 -14.01 -3.15 -20.50
C PRO B 446 -15.39 -3.38 -19.91
N HIS B 447 -15.78 -2.43 -19.08
CA HIS B 447 -17.11 -2.32 -18.50
C HIS B 447 -18.18 -2.57 -19.58
N GLY B 448 -18.99 -3.62 -19.37
CA GLY B 448 -20.11 -3.94 -20.23
C GLY B 448 -19.90 -5.16 -21.10
N TYR B 449 -18.66 -5.65 -21.23
CA TYR B 449 -18.36 -6.64 -22.28
C TYR B 449 -18.41 -8.12 -21.87
N GLU B 450 -18.97 -8.38 -20.69
CA GLU B 450 -19.38 -9.73 -20.30
C GLU B 450 -20.82 -10.02 -20.74
N ILE B 451 -21.60 -8.97 -21.00
CA ILE B 451 -23.04 -9.11 -21.16
C ILE B 451 -23.39 -9.97 -22.37
N GLU B 452 -22.76 -9.69 -23.50
CA GLU B 452 -22.99 -10.46 -24.72
C GLU B 452 -22.74 -11.98 -24.53
N PHE B 453 -21.84 -12.33 -23.61
CA PHE B 453 -21.57 -13.74 -23.30
C PHE B 453 -22.63 -14.36 -22.38
N ILE B 454 -23.06 -13.63 -21.36
CA ILE B 454 -24.11 -14.12 -20.46
C ILE B 454 -25.41 -14.30 -21.22
N PHE B 455 -25.73 -13.37 -22.11
CA PHE B 455 -26.95 -13.46 -22.93
C PHE B 455 -26.87 -14.50 -24.06
N GLY B 456 -25.66 -15.00 -24.34
CA GLY B 456 -25.49 -16.16 -25.21
C GLY B 456 -25.34 -15.86 -26.69
N LEU B 457 -24.96 -14.62 -27.02
CA LEU B 457 -24.86 -14.19 -28.40
C LEU B 457 -23.88 -15.02 -29.24
N PRO B 458 -22.73 -15.41 -28.68
CA PRO B 458 -21.81 -16.29 -29.44
C PRO B 458 -22.39 -17.60 -30.00
N LEU B 459 -23.57 -18.00 -29.51
CA LEU B 459 -24.27 -19.16 -30.07
C LEU B 459 -24.82 -18.90 -31.48
N ASP B 460 -24.91 -17.64 -31.87
CA ASP B 460 -25.28 -17.27 -33.24
C ASP B 460 -24.02 -17.25 -34.13
N PRO B 461 -23.90 -18.21 -35.07
CA PRO B 461 -22.66 -18.27 -35.87
C PRO B 461 -22.45 -17.05 -36.77
N SER B 462 -23.54 -16.35 -37.11
CA SER B 462 -23.45 -15.16 -37.96
C SER B 462 -22.64 -14.03 -37.32
N LEU B 463 -22.45 -14.07 -36.00
CA LEU B 463 -21.75 -13.02 -35.27
C LEU B 463 -20.23 -13.22 -35.20
N ASN B 464 -19.74 -14.36 -35.67
CA ASN B 464 -18.30 -14.56 -35.89
C ASN B 464 -17.43 -14.66 -34.63
N TYR B 465 -18.02 -15.09 -33.52
CA TYR B 465 -17.25 -15.50 -32.35
C TYR B 465 -16.58 -16.85 -32.64
N THR B 466 -15.57 -17.20 -31.84
CA THR B 466 -14.87 -18.47 -32.01
C THR B 466 -15.68 -19.61 -31.39
N THR B 467 -15.32 -20.85 -31.74
CA THR B 467 -15.92 -22.05 -31.13
C THR B 467 -15.74 -22.06 -29.61
N GLU B 468 -14.59 -21.55 -29.17
CA GLU B 468 -14.24 -21.50 -27.77
C GLU B 468 -15.12 -20.49 -27.02
N GLU B 469 -15.46 -19.40 -27.70
CA GLU B 469 -16.35 -18.39 -27.14
C GLU B 469 -17.78 -18.89 -27.06
N ARG B 470 -18.19 -19.71 -28.02
CA ARG B 470 -19.51 -20.33 -27.99
C ARG B 470 -19.62 -21.28 -26.79
N ILE B 471 -18.62 -22.13 -26.63
CA ILE B 471 -18.55 -23.05 -25.48
C ILE B 471 -18.54 -22.30 -24.13
N PHE B 472 -17.79 -21.19 -24.07
CA PHE B 472 -17.70 -20.34 -22.88
C PHE B 472 -19.06 -19.69 -22.55
N ALA B 473 -19.75 -19.18 -23.57
CA ALA B 473 -21.08 -18.60 -23.41
C ALA B 473 -22.07 -19.63 -22.85
N GLN B 474 -22.02 -20.85 -23.38
CA GLN B 474 -22.86 -21.94 -22.89
C GLN B 474 -22.62 -22.25 -21.39
N ARG B 475 -21.35 -22.16 -20.95
CA ARG B 475 -21.01 -22.33 -19.54
C ARG B 475 -21.60 -21.21 -18.69
N LEU B 476 -21.47 -19.98 -19.16
CA LEU B 476 -21.96 -18.81 -18.44
C LEU B 476 -23.48 -18.81 -18.30
N MET B 477 -24.18 -19.05 -19.40
CA MET B 477 -25.63 -19.22 -19.39
C MET B 477 -26.07 -20.28 -18.39
N LYS B 478 -25.27 -21.35 -18.26
CA LYS B 478 -25.54 -22.41 -17.28
C LYS B 478 -25.37 -21.94 -15.85
N TYR B 479 -24.27 -21.22 -15.56
CA TYR B 479 -24.04 -20.71 -14.20
C TYR B 479 -25.20 -19.81 -13.79
N TRP B 480 -25.54 -18.88 -14.67
CA TRP B 480 -26.56 -17.86 -14.38
C TRP B 480 -27.94 -18.47 -14.19
N THR B 481 -28.31 -19.41 -15.05
CA THR B 481 -29.62 -20.04 -14.97
C THR B 481 -29.66 -21.06 -13.85
N ASN B 482 -28.54 -21.69 -13.53
CA ASN B 482 -28.48 -22.59 -12.36
C ASN B 482 -28.66 -21.77 -11.10
N PHE B 483 -27.99 -20.63 -11.05
CA PHE B 483 -28.21 -19.67 -9.98
C PHE B 483 -29.70 -19.28 -9.88
N ALA B 484 -30.32 -18.98 -11.03
CA ALA B 484 -31.75 -18.67 -11.09
C ALA B 484 -32.62 -19.78 -10.51
N ARG B 485 -32.28 -21.03 -10.86
CA ARG B 485 -33.05 -22.19 -10.43
C ARG B 485 -32.88 -22.48 -8.94
N THR B 486 -31.66 -22.33 -8.43
CA THR B 486 -31.34 -22.82 -7.08
C THR B 486 -30.67 -21.83 -6.10
N GLY B 487 -30.22 -20.68 -6.58
CA GLY B 487 -29.37 -19.79 -5.77
C GLY B 487 -27.94 -20.28 -5.64
N ASP B 488 -27.54 -21.18 -6.54
CA ASP B 488 -26.21 -21.78 -6.54
C ASP B 488 -25.84 -22.00 -8.00
N PRO B 489 -24.77 -21.35 -8.47
CA PRO B 489 -24.41 -21.43 -9.89
C PRO B 489 -23.80 -22.77 -10.33
N ASN B 490 -23.42 -23.64 -9.39
CA ASN B 490 -22.81 -24.92 -9.73
C ASN B 490 -23.82 -25.90 -10.35
N ASP B 491 -23.35 -26.76 -11.26
CA ASP B 491 -24.23 -27.76 -11.92
C ASP B 491 -24.59 -28.90 -10.95
N PRO B 492 -25.90 -29.07 -10.61
CA PRO B 492 -26.33 -29.96 -9.49
C PRO B 492 -26.03 -31.45 -9.70
N ARG B 493 -26.25 -31.92 -10.92
CA ARG B 493 -25.67 -33.17 -11.39
C ARG B 493 -24.49 -32.72 -12.24
N ASP B 494 -23.44 -33.54 -12.30
CA ASP B 494 -22.10 -33.14 -12.80
C ASP B 494 -21.17 -32.94 -11.60
N SER B 495 -20.26 -33.89 -11.43
CA SER B 495 -19.22 -33.80 -10.41
C SER B 495 -18.13 -32.79 -10.82
N LYS B 496 -16.88 -33.24 -10.72
CA LYS B 496 -15.71 -32.46 -11.08
C LYS B 496 -15.43 -31.26 -10.15
N SER B 497 -14.31 -31.37 -9.43
CA SER B 497 -13.60 -30.23 -8.90
C SER B 497 -12.96 -29.49 -10.10
N PRO B 498 -13.05 -28.14 -10.15
CA PRO B 498 -13.34 -27.25 -9.04
C PRO B 498 -14.77 -26.70 -9.05
N GLN B 499 -15.38 -26.68 -7.87
CA GLN B 499 -16.67 -26.04 -7.67
C GLN B 499 -16.45 -24.54 -7.43
N TRP B 500 -17.52 -23.78 -7.62
CA TRP B 500 -17.55 -22.35 -7.32
C TRP B 500 -18.00 -22.18 -5.86
N PRO B 501 -17.08 -21.82 -4.95
CA PRO B 501 -17.46 -21.73 -3.54
C PRO B 501 -18.12 -20.40 -3.20
N PRO B 502 -18.97 -20.37 -2.17
CA PRO B 502 -19.51 -19.09 -1.75
C PRO B 502 -18.43 -18.14 -1.24
N TYR B 503 -18.65 -16.85 -1.47
CA TYR B 503 -17.81 -15.79 -0.93
C TYR B 503 -18.15 -15.62 0.54
N THR B 504 -17.11 -15.59 1.38
CA THR B 504 -17.25 -15.37 2.80
C THR B 504 -16.25 -14.32 3.24
N THR B 505 -16.50 -13.72 4.40
CA THR B 505 -15.60 -12.70 4.94
C THR B 505 -14.28 -13.35 5.39
N ALA B 506 -14.36 -14.59 5.85
CA ALA B 506 -13.16 -15.35 6.24
C ALA B 506 -12.24 -15.67 5.05
N ALA B 507 -12.74 -16.41 4.06
CA ALA B 507 -11.89 -16.91 2.96
C ALA B 507 -11.87 -16.00 1.74
N GLN B 508 -12.91 -15.21 1.53
CA GLN B 508 -12.96 -14.23 0.45
C GLN B 508 -12.76 -14.88 -0.93
N GLN B 509 -13.35 -16.06 -1.10
CA GLN B 509 -13.18 -16.82 -2.33
C GLN B 509 -14.09 -16.32 -3.44
N TYR B 510 -13.51 -16.21 -4.64
CA TYR B 510 -14.22 -15.88 -5.86
C TYR B 510 -13.58 -16.64 -7.03
N VAL B 511 -14.21 -16.61 -8.20
CA VAL B 511 -13.69 -17.35 -9.36
C VAL B 511 -13.39 -16.44 -10.54
N SER B 512 -12.47 -16.89 -11.38
CA SER B 512 -12.21 -16.26 -12.67
C SER B 512 -13.05 -16.93 -13.75
N LEU B 513 -13.78 -16.10 -14.49
CA LEU B 513 -14.58 -16.54 -15.59
C LEU B 513 -13.81 -16.16 -16.88
N ASN B 514 -13.17 -17.15 -17.47
CA ASN B 514 -12.44 -16.97 -18.72
C ASN B 514 -12.50 -18.28 -19.49
N LEU B 515 -11.75 -18.40 -20.60
CA LEU B 515 -11.78 -19.61 -21.42
C LEU B 515 -11.23 -20.84 -20.71
N LYS B 516 -10.36 -20.64 -19.72
CA LYS B 516 -9.84 -21.76 -18.93
C LYS B 516 -10.91 -22.22 -17.91
N PRO B 517 -10.77 -23.46 -17.38
CA PRO B 517 -11.68 -23.90 -16.32
C PRO B 517 -11.67 -22.97 -15.09
N LEU B 518 -12.79 -22.95 -14.35
CA LEU B 518 -12.91 -22.13 -13.15
C LEU B 518 -11.68 -22.25 -12.26
N GLU B 519 -11.16 -21.12 -11.82
CA GLU B 519 -10.07 -21.09 -10.87
C GLU B 519 -10.55 -20.28 -9.67
N VAL B 520 -10.33 -20.84 -8.48
CA VAL B 520 -10.72 -20.17 -7.24
C VAL B 520 -9.58 -19.28 -6.75
N ARG B 521 -9.91 -18.03 -6.45
CA ARG B 521 -8.95 -17.09 -5.91
C ARG B 521 -9.48 -16.55 -4.59
N ARG B 522 -8.58 -15.98 -3.80
CA ARG B 522 -8.97 -15.42 -2.52
C ARG B 522 -8.58 -13.95 -2.48
N GLY B 523 -9.52 -13.10 -2.09
CA GLY B 523 -9.25 -11.70 -1.82
C GLY B 523 -9.44 -10.88 -3.06
N LEU B 524 -10.51 -10.09 -3.09
CA LEU B 524 -10.85 -9.28 -4.24
C LEU B 524 -10.22 -7.89 -4.12
N ARG B 525 -9.02 -7.75 -4.69
CA ARG B 525 -8.20 -6.54 -4.50
C ARG B 525 -8.13 -6.16 -3.01
N ALA B 526 -7.82 -7.11 -2.15
CA ALA B 526 -7.98 -6.91 -0.70
C ALA B 526 -7.21 -5.73 -0.15
N GLN B 527 -5.94 -5.60 -0.50
CA GLN B 527 -5.11 -4.52 0.07
C GLN B 527 -5.56 -3.16 -0.46
N THR B 528 -5.79 -3.10 -1.76
CA THR B 528 -6.19 -1.84 -2.38
C THR B 528 -7.59 -1.43 -1.95
N CYS B 529 -8.49 -2.38 -1.78
CA CYS B 529 -9.84 -2.00 -1.38
C CYS B 529 -9.89 -1.59 0.08
N ALA B 530 -8.97 -2.10 0.89
CA ALA B 530 -8.80 -1.59 2.25
C ALA B 530 -8.42 -0.12 2.22
N PHE B 531 -7.60 0.28 1.24
CA PHE B 531 -7.27 1.69 1.06
C PHE B 531 -8.54 2.54 0.83
N TRP B 532 -9.35 2.11 -0.14
CA TRP B 532 -10.57 2.84 -0.52
C TRP B 532 -11.67 2.73 0.53
N ASN B 533 -11.89 1.53 1.06
CA ASN B 533 -13.03 1.30 1.94
C ASN B 533 -12.79 1.61 3.40
N ARG B 534 -11.53 1.57 3.83
CA ARG B 534 -11.20 1.82 5.24
C ARG B 534 -10.42 3.10 5.44
N PHE B 535 -9.36 3.30 4.66
CA PHE B 535 -8.50 4.43 4.96
C PHE B 535 -9.05 5.77 4.49
N LEU B 536 -9.43 5.86 3.22
CA LEU B 536 -9.87 7.13 2.68
C LEU B 536 -11.07 7.76 3.43
N PRO B 537 -12.05 6.94 3.87
CA PRO B 537 -13.09 7.44 4.77
C PRO B 537 -12.56 8.05 6.08
N LYS B 538 -11.64 7.36 6.76
CA LYS B 538 -11.01 7.92 7.95
C LYS B 538 -10.29 9.21 7.64
N LEU B 539 -9.74 9.32 6.43
CA LEU B 539 -8.98 10.51 6.07
C LEU B 539 -9.89 11.72 5.98
N LEU B 540 -10.95 11.64 5.19
CA LEU B 540 -11.79 12.82 4.98
C LEU B 540 -12.72 13.15 6.16
N SER B 541 -13.03 12.14 6.99
CA SER B 541 -13.72 12.41 8.27
C SER B 541 -12.80 13.10 9.30
N ALA B 542 -11.49 13.04 9.10
CA ALA B 542 -10.51 13.77 9.92
C ALA B 542 -9.87 14.93 9.13
N THR B 543 -8.98 14.59 8.17
CA THR B 543 -8.32 15.54 7.24
C THR B 543 -7.06 16.29 7.82
#